data_8QHS
#
_entry.id   8QHS
#
_cell.length_a   1.00
_cell.length_b   1.00
_cell.length_c   1.00
_cell.angle_alpha   90.00
_cell.angle_beta   90.00
_cell.angle_gamma   90.00
#
_symmetry.space_group_name_H-M   'P 1'
#
loop_
_entity.id
_entity.type
_entity.pdbx_description
1 polymer 'Antigen A'
2 water water
#
_entity_poly.entity_id   1
_entity_poly.type   'polypeptide(L)'
_entity_poly.pdbx_seq_one_letter_code
;MAFEENLYCDYTPGAAKAVAGKDVILAVFNAAGDKLLAVAGQQGLTVNRSKDSIEITSKDTVGGWKSKIGGMKEWSIEND
GLYVADAESHKELAKYFESDSPVCVKIINQASKKGLFGGLAIVADYSFEAPFDEAMTYSVKLDGMGALVDLTITEGGDQM
PGETPVAPAE
;
_entity_poly.pdbx_strand_id   A,C,D,E,F
#
# COMPACT_ATOMS: atom_id res chain seq x y z
N ALA A 2 3.53 33.76 -4.16
CA ALA A 2 3.28 33.09 -2.90
C ALA A 2 4.41 32.12 -2.57
N PHE A 3 4.79 32.07 -1.30
CA PHE A 3 5.86 31.21 -0.80
C PHE A 3 7.17 31.48 -1.53
N GLU A 4 7.49 32.77 -1.71
CA GLU A 4 8.71 33.21 -2.38
C GLU A 4 8.84 32.57 -3.76
N GLU A 5 7.74 32.55 -4.51
CA GLU A 5 7.68 31.99 -5.86
C GLU A 5 8.00 30.51 -5.90
N ASN A 6 7.71 29.78 -4.81
CA ASN A 6 7.94 28.35 -4.71
C ASN A 6 9.40 27.99 -4.95
N LEU A 7 10.31 28.84 -4.47
CA LEU A 7 11.73 28.59 -4.63
C LEU A 7 12.15 27.32 -3.90
N TYR A 8 11.66 27.13 -2.67
CA TYR A 8 12.06 25.98 -1.86
C TYR A 8 10.88 25.15 -1.36
N CYS A 9 9.65 25.46 -1.76
CA CYS A 9 8.49 24.66 -1.41
C CYS A 9 7.52 24.63 -2.56
N ASP A 10 7.22 23.42 -3.03
CA ASP A 10 6.25 23.21 -4.11
C ASP A 10 5.02 22.53 -3.55
N TYR A 11 3.86 23.15 -3.72
CA TYR A 11 2.62 22.60 -3.23
C TYR A 11 1.86 21.86 -4.32
N ALA A 16 -1.03 12.26 -4.28
CA ALA A 16 -0.59 11.79 -5.59
C ALA A 16 0.72 11.03 -5.46
N LYS A 17 1.37 11.19 -4.31
CA LYS A 17 2.67 10.53 -4.11
C LYS A 17 2.50 9.27 -3.27
N ALA A 18 1.54 9.28 -2.35
CA ALA A 18 1.19 8.12 -1.55
C ALA A 18 -0.19 8.33 -0.95
N VAL A 19 -0.90 7.23 -0.73
CA VAL A 19 -2.21 7.24 -0.11
C VAL A 19 -2.06 6.67 1.30
N ALA A 20 -2.55 7.42 2.29
CA ALA A 20 -2.60 6.89 3.65
C ALA A 20 -3.55 5.71 3.72
N GLY A 21 -3.11 4.64 4.38
CA GLY A 21 -3.93 3.45 4.48
C GLY A 21 -5.26 3.69 5.17
N LYS A 22 -5.32 4.69 6.04
CA LYS A 22 -6.53 4.95 6.80
C LYS A 22 -7.65 5.48 5.91
N ASP A 23 -7.32 5.95 4.71
CA ASP A 23 -8.35 6.48 3.82
C ASP A 23 -8.95 5.38 2.96
N VAL A 24 -8.34 4.19 2.98
CA VAL A 24 -8.85 3.08 2.19
C VAL A 24 -9.60 2.11 3.10
N ILE A 25 -10.91 2.02 2.93
CA ILE A 25 -11.74 1.25 3.83
C ILE A 25 -12.57 0.24 3.05
N LEU A 26 -12.95 -0.82 3.75
CA LEU A 26 -13.87 -1.83 3.26
C LEU A 26 -15.28 -1.43 3.64
N ALA A 27 -16.19 -1.51 2.68
CA ALA A 27 -17.60 -1.24 2.92
C ALA A 27 -18.43 -2.38 2.33
N VAL A 28 -19.52 -2.71 2.99
CA VAL A 28 -20.42 -3.76 2.53
C VAL A 28 -21.80 -3.14 2.33
N PHE A 29 -22.56 -3.71 1.40
CA PHE A 29 -23.95 -3.33 1.27
C PHE A 29 -24.80 -4.14 2.25
N ASN A 30 -25.86 -3.51 2.74
CA ASN A 30 -26.83 -4.24 3.52
C ASN A 30 -27.58 -5.22 2.62
N ALA A 31 -28.40 -6.07 3.24
CA ALA A 31 -28.99 -7.19 2.52
C ALA A 31 -29.87 -6.72 1.36
N ALA A 32 -30.48 -5.54 1.50
CA ALA A 32 -31.36 -5.04 0.44
C ALA A 32 -30.56 -4.33 -0.65
N GLY A 33 -29.41 -3.78 -0.31
CA GLY A 33 -28.58 -3.06 -1.25
C GLY A 33 -28.77 -1.56 -1.26
N ASP A 34 -29.52 -1.02 -0.31
CA ASP A 34 -29.84 0.41 -0.36
C ASP A 34 -28.90 1.21 0.53
N LYS A 35 -28.15 0.55 1.40
CA LYS A 35 -27.20 1.23 2.26
C LYS A 35 -25.83 0.58 2.12
N LEU A 36 -24.81 1.41 1.94
CA LEU A 36 -23.43 0.98 1.89
C LEU A 36 -22.77 1.31 3.22
N LEU A 37 -22.23 0.31 3.89
CA LEU A 37 -21.80 0.43 5.28
C LEU A 37 -20.31 0.17 5.41
N ALA A 38 -19.57 1.20 5.82
CA ALA A 38 -18.19 1.00 6.24
C ALA A 38 -18.15 0.05 7.42
N VAL A 39 -17.30 -0.97 7.32
CA VAL A 39 -17.15 -1.93 8.41
C VAL A 39 -16.55 -1.22 9.62
N ALA A 40 -17.25 -1.30 10.74
CA ALA A 40 -16.91 -0.49 11.91
C ALA A 40 -15.63 -0.98 12.58
N GLY A 41 -14.81 -0.03 13.03
CA GLY A 41 -13.60 -0.33 13.76
C GLY A 41 -12.49 -0.94 12.97
N GLN A 42 -12.55 -0.92 11.63
CA GLN A 42 -11.54 -1.60 10.83
C GLN A 42 -10.19 -0.92 10.93
N GLN A 43 -9.14 -1.72 10.94
CA GLN A 43 -7.77 -1.24 11.08
C GLN A 43 -6.83 -1.74 10.00
N GLY A 44 -7.01 -2.97 9.54
CA GLY A 44 -6.16 -3.49 8.50
C GLY A 44 -6.95 -4.01 7.32
N LEU A 45 -6.41 -3.84 6.13
CA LEU A 45 -7.08 -4.24 4.90
C LEU A 45 -6.07 -4.89 3.97
N THR A 46 -6.40 -6.07 3.47
CA THR A 46 -5.62 -6.75 2.45
C THR A 46 -6.54 -7.15 1.31
N VAL A 47 -6.18 -6.76 0.09
CA VAL A 47 -6.87 -7.19 -1.12
C VAL A 47 -5.91 -8.11 -1.87
N ASN A 48 -6.26 -9.38 -1.96
CA ASN A 48 -5.46 -10.38 -2.63
C ASN A 48 -6.06 -10.66 -4.00
N ARG A 49 -5.25 -10.53 -5.05
CA ARG A 49 -5.63 -10.95 -6.40
C ARG A 49 -4.50 -11.78 -6.97
N SER A 50 -4.80 -12.98 -7.40
CA SER A 50 -3.79 -13.87 -7.96
C SER A 50 -4.33 -14.53 -9.22
N LYS A 51 -3.41 -14.98 -10.05
CA LYS A 51 -3.71 -15.67 -11.29
C LYS A 51 -2.88 -16.94 -11.34
N ASP A 52 -3.47 -18.02 -11.85
CA ASP A 52 -2.72 -19.26 -12.01
C ASP A 52 -1.80 -19.17 -13.23
N SER A 53 -0.73 -19.95 -13.18
CA SER A 53 0.17 -20.11 -14.31
C SER A 53 0.09 -21.56 -14.78
N ILE A 54 -0.10 -21.75 -16.07
CA ILE A 54 -0.12 -23.07 -16.69
C ILE A 54 1.21 -23.26 -17.40
N GLU A 55 1.96 -24.28 -17.00
CA GLU A 55 3.19 -24.62 -17.70
C GLU A 55 2.86 -25.38 -18.99
N ILE A 56 3.39 -24.90 -20.10
CA ILE A 56 3.17 -25.51 -21.39
C ILE A 56 4.50 -25.87 -22.06
N THR A 57 5.53 -26.12 -21.25
CA THR A 57 6.81 -26.56 -21.77
C THR A 57 6.67 -27.90 -22.49
N SER A 58 7.26 -28.00 -23.67
CA SER A 58 7.30 -29.24 -24.42
C SER A 58 8.70 -29.42 -24.98
N LYS A 59 8.85 -30.43 -25.83
CA LYS A 59 10.14 -30.63 -26.50
C LYS A 59 10.32 -29.66 -27.65
N ASP A 60 9.26 -28.94 -28.03
CA ASP A 60 9.39 -27.85 -28.98
C ASP A 60 9.99 -26.61 -28.34
N THR A 61 9.90 -26.52 -27.02
CA THR A 61 10.40 -25.35 -26.30
C THR A 61 11.92 -25.23 -26.48
N VAL A 62 12.35 -24.07 -26.96
CA VAL A 62 13.76 -23.82 -27.26
C VAL A 62 14.27 -22.74 -26.32
N GLY A 63 15.55 -22.84 -26.00
CA GLY A 63 16.22 -21.81 -25.22
C GLY A 63 16.49 -22.16 -23.78
N GLY A 64 15.90 -23.24 -23.26
CA GLY A 64 16.17 -23.66 -21.90
C GLY A 64 15.33 -23.02 -20.84
N TRP A 65 14.25 -22.34 -21.20
CA TRP A 65 13.36 -21.71 -20.24
C TRP A 65 12.00 -22.41 -20.30
N LYS A 66 11.36 -22.54 -19.16
CA LYS A 66 10.01 -23.08 -19.14
C LYS A 66 9.03 -22.13 -19.82
N SER A 67 7.98 -22.70 -20.39
CA SER A 67 6.95 -21.94 -21.09
C SER A 67 5.68 -21.94 -20.26
N LYS A 68 5.14 -20.75 -20.00
CA LYS A 68 3.98 -20.61 -19.14
C LYS A 68 2.97 -19.68 -19.77
N ILE A 69 1.69 -19.94 -19.48
CA ILE A 69 0.59 -19.05 -19.84
C ILE A 69 -0.24 -18.80 -18.60
N GLY A 70 -0.98 -17.69 -18.62
CA GLY A 70 -1.80 -17.34 -17.47
C GLY A 70 -3.04 -18.20 -17.39
N GLY A 71 -3.50 -18.44 -16.17
CA GLY A 71 -4.72 -19.18 -15.92
C GLY A 71 -5.84 -18.30 -15.42
N MET A 72 -6.68 -18.88 -14.57
CA MET A 72 -7.83 -18.17 -14.04
C MET A 72 -7.45 -17.34 -12.81
N LYS A 73 -8.24 -16.33 -12.55
CA LYS A 73 -8.01 -15.39 -11.46
C LYS A 73 -8.90 -15.72 -10.28
N GLU A 74 -8.41 -15.38 -9.08
CA GLU A 74 -9.19 -15.46 -7.86
C GLU A 74 -8.81 -14.29 -6.97
N TRP A 75 -9.69 -13.96 -6.03
CA TRP A 75 -9.42 -12.86 -5.12
C TRP A 75 -10.00 -13.15 -3.76
N SER A 76 -9.45 -12.48 -2.75
CA SER A 76 -10.01 -12.47 -1.42
C SER A 76 -9.69 -11.14 -0.77
N ILE A 77 -10.45 -10.80 0.26
CA ILE A 77 -10.22 -9.60 1.04
C ILE A 77 -10.13 -10.00 2.51
N GLU A 78 -9.08 -9.54 3.17
CA GLU A 78 -8.90 -9.75 4.60
C GLU A 78 -9.02 -8.41 5.30
N ASN A 79 -9.84 -8.37 6.34
CA ASN A 79 -10.09 -7.14 7.09
C ASN A 79 -10.13 -7.47 8.58
N ASP A 80 -9.41 -6.69 9.36
CA ASP A 80 -9.40 -6.84 10.80
C ASP A 80 -9.61 -5.48 11.44
N GLY A 81 -10.03 -5.48 12.69
CA GLY A 81 -10.19 -4.23 13.40
C GLY A 81 -10.81 -4.43 14.75
N LEU A 82 -11.20 -3.32 15.37
CA LEU A 82 -11.88 -3.37 16.66
C LEU A 82 -13.32 -3.81 16.48
N TYR A 83 -13.70 -4.83 17.24
CA TYR A 83 -15.02 -5.44 17.13
C TYR A 83 -16.00 -4.78 18.10
N VAL A 84 -17.09 -4.27 17.56
CA VAL A 84 -18.22 -3.80 18.35
C VAL A 84 -19.46 -4.50 17.80
N ALA A 85 -20.11 -5.30 18.63
CA ALA A 85 -21.07 -6.28 18.15
C ALA A 85 -22.37 -5.65 17.66
N ASP A 86 -22.74 -4.48 18.21
CA ASP A 86 -24.02 -3.90 17.83
C ASP A 86 -23.87 -2.90 16.69
N ALA A 87 -22.66 -2.72 16.19
CA ALA A 87 -22.46 -1.91 15.00
C ALA A 87 -23.25 -2.48 13.83
N GLU A 88 -23.81 -1.59 13.01
CA GLU A 88 -24.72 -2.03 11.96
C GLU A 88 -23.99 -2.87 10.92
N SER A 89 -22.76 -2.50 10.59
CA SER A 89 -22.00 -3.26 9.59
C SER A 89 -21.67 -4.66 10.10
N HIS A 90 -21.41 -4.79 11.41
CA HIS A 90 -21.10 -6.11 11.95
C HIS A 90 -22.33 -6.97 12.08
N LYS A 91 -23.49 -6.36 12.34
CA LYS A 91 -24.73 -7.11 12.30
C LYS A 91 -25.05 -7.59 10.89
N GLU A 92 -24.75 -6.77 9.89
CA GLU A 92 -24.91 -7.21 8.51
C GLU A 92 -23.98 -8.36 8.18
N LEU A 93 -22.71 -8.25 8.55
CA LEU A 93 -21.77 -9.33 8.32
C LEU A 93 -22.19 -10.60 9.04
N ALA A 94 -22.73 -10.46 10.26
CA ALA A 94 -23.20 -11.62 11.00
C ALA A 94 -24.36 -12.30 10.28
N LYS A 95 -25.29 -11.52 9.74
CA LYS A 95 -26.42 -12.11 9.02
C LYS A 95 -25.96 -12.76 7.71
N TYR A 96 -24.98 -12.15 7.04
CA TYR A 96 -24.44 -12.76 5.83
C TYR A 96 -23.78 -14.10 6.14
N PHE A 97 -23.02 -14.16 7.23
CA PHE A 97 -22.36 -15.40 7.63
C PHE A 97 -23.38 -16.45 8.05
N GLU A 98 -24.46 -16.03 8.71
CA GLU A 98 -25.44 -16.99 9.20
C GLU A 98 -26.31 -17.53 8.07
N SER A 99 -26.68 -16.67 7.12
CA SER A 99 -27.68 -17.05 6.14
C SER A 99 -27.08 -17.66 4.88
N ASP A 100 -25.75 -17.80 4.83
CA ASP A 100 -25.04 -18.30 3.66
C ASP A 100 -25.38 -17.48 2.42
N SER A 101 -25.36 -16.18 2.55
CA SER A 101 -25.70 -15.31 1.44
C SER A 101 -24.49 -14.49 1.03
N PRO A 102 -24.24 -14.32 -0.26
CA PRO A 102 -23.11 -13.49 -0.68
C PRO A 102 -23.29 -12.03 -0.30
N VAL A 103 -22.18 -11.37 0.00
CA VAL A 103 -22.18 -9.97 0.37
C VAL A 103 -21.48 -9.18 -0.73
N CYS A 104 -22.11 -8.09 -1.15
CA CYS A 104 -21.48 -7.16 -2.08
C CYS A 104 -20.56 -6.22 -1.31
N VAL A 105 -19.26 -6.31 -1.60
CA VAL A 105 -18.26 -5.55 -0.87
C VAL A 105 -17.65 -4.52 -1.79
N LYS A 106 -17.09 -3.48 -1.21
CA LYS A 106 -16.48 -2.39 -1.95
C LYS A 106 -15.27 -1.87 -1.19
N ILE A 107 -14.19 -1.63 -1.92
CA ILE A 107 -13.00 -0.94 -1.39
C ILE A 107 -13.03 0.48 -1.93
N ILE A 108 -13.03 1.46 -1.05
CA ILE A 108 -13.09 2.86 -1.46
C ILE A 108 -11.98 3.64 -0.78
N ASN A 109 -11.51 4.67 -1.48
CA ASN A 109 -10.69 5.71 -0.91
C ASN A 109 -11.63 6.81 -0.44
N GLN A 110 -11.83 6.91 0.88
CA GLN A 110 -12.84 7.83 1.39
C GLN A 110 -12.35 9.27 1.32
N ALA A 111 -11.03 9.47 1.24
CA ALA A 111 -10.51 10.83 1.13
C ALA A 111 -10.67 11.37 -0.29
N SER A 112 -10.36 10.55 -1.30
CA SER A 112 -10.49 11.01 -2.67
C SER A 112 -11.88 10.68 -3.24
N LYS A 113 -12.68 9.93 -2.49
CA LYS A 113 -14.03 9.51 -2.86
C LYS A 113 -14.08 8.73 -4.16
N LYS A 114 -13.13 7.84 -4.40
CA LYS A 114 -13.14 6.95 -5.55
C LYS A 114 -13.24 5.52 -5.06
N GLY A 115 -14.07 4.73 -5.72
CA GLY A 115 -14.07 3.30 -5.47
C GLY A 115 -12.87 2.65 -6.12
N LEU A 116 -12.34 1.62 -5.46
CA LEU A 116 -11.18 0.90 -5.95
C LEU A 116 -11.53 -0.49 -6.48
N PHE A 117 -12.26 -1.27 -5.70
CA PHE A 117 -12.60 -2.64 -6.07
C PHE A 117 -14.00 -2.95 -5.55
N GLY A 118 -14.70 -3.82 -6.26
CA GLY A 118 -16.01 -4.27 -5.83
C GLY A 118 -16.32 -5.64 -6.38
N GLY A 119 -17.06 -6.43 -5.61
CA GLY A 119 -17.42 -7.76 -6.06
C GLY A 119 -18.23 -8.51 -5.03
N LEU A 120 -18.70 -9.68 -5.44
CA LEU A 120 -19.47 -10.57 -4.59
C LEU A 120 -18.53 -11.52 -3.87
N ALA A 121 -18.68 -11.64 -2.56
CA ALA A 121 -17.80 -12.47 -1.76
C ALA A 121 -18.58 -13.39 -0.85
N ILE A 122 -18.03 -14.57 -0.61
CA ILE A 122 -18.43 -15.39 0.53
C ILE A 122 -17.78 -14.84 1.78
N VAL A 123 -18.53 -14.76 2.86
CA VAL A 123 -17.92 -14.54 4.18
C VAL A 123 -17.29 -15.86 4.58
N ALA A 124 -16.00 -16.00 4.31
CA ALA A 124 -15.34 -17.30 4.46
C ALA A 124 -14.84 -17.50 5.88
N ASP A 125 -14.56 -16.41 6.58
CA ASP A 125 -14.05 -16.46 7.94
C ASP A 125 -14.49 -15.19 8.66
N TYR A 126 -14.97 -15.35 9.89
CA TYR A 126 -15.42 -14.23 10.70
C TYR A 126 -15.14 -14.57 12.14
N SER A 127 -13.98 -14.14 12.64
CA SER A 127 -13.46 -14.62 13.91
C SER A 127 -13.15 -13.43 14.81
N PHE A 128 -12.92 -13.73 16.09
CA PHE A 128 -12.77 -12.71 17.11
C PHE A 128 -11.70 -13.11 18.11
N GLU A 129 -11.00 -12.12 18.64
CA GLU A 129 -10.02 -12.29 19.69
C GLU A 129 -10.29 -11.31 20.81
N ALA A 130 -10.18 -11.77 22.05
CA ALA A 130 -10.41 -10.94 23.23
C ALA A 130 -9.30 -11.19 24.24
N PRO A 131 -8.16 -10.54 24.08
CA PRO A 131 -7.11 -10.63 25.10
C PRO A 131 -7.49 -9.79 26.31
N PHE A 132 -7.06 -10.21 27.49
CA PHE A 132 -7.48 -9.55 28.72
C PHE A 132 -6.89 -8.15 28.82
N ASP A 133 -5.78 -7.90 28.12
CA ASP A 133 -5.08 -6.63 28.26
C ASP A 133 -5.24 -5.72 27.04
N GLU A 134 -6.07 -6.09 26.07
CA GLU A 134 -6.25 -5.30 24.86
C GLU A 134 -7.73 -5.15 24.57
N ALA A 135 -8.03 -4.62 23.39
CA ALA A 135 -9.41 -4.51 22.95
C ALA A 135 -9.82 -5.74 22.16
N MET A 136 -11.11 -6.05 22.21
CA MET A 136 -11.63 -7.15 21.41
C MET A 136 -11.57 -6.80 19.93
N THR A 137 -11.01 -7.72 19.14
CA THR A 137 -10.87 -7.50 17.71
C THR A 137 -11.65 -8.53 16.94
N TYR A 138 -11.97 -8.19 15.71
CA TYR A 138 -12.57 -9.12 14.76
C TYR A 138 -11.58 -9.35 13.63
N SER A 139 -11.80 -10.41 12.89
CA SER A 139 -11.08 -10.70 11.66
C SER A 139 -12.05 -11.34 10.69
N VAL A 140 -12.14 -10.80 9.49
CA VAL A 140 -13.07 -11.29 8.49
C VAL A 140 -12.29 -11.59 7.22
N LYS A 141 -12.63 -12.70 6.58
CA LYS A 141 -12.10 -13.05 5.28
C LYS A 141 -13.23 -13.14 4.28
N LEU A 142 -13.09 -12.42 3.18
CA LEU A 142 -14.10 -12.39 2.12
C LEU A 142 -13.55 -13.09 0.90
N ASP A 143 -14.09 -14.27 0.59
CA ASP A 143 -13.65 -15.08 -0.53
C ASP A 143 -14.46 -14.70 -1.76
N GLY A 144 -13.77 -14.29 -2.82
CA GLY A 144 -14.46 -13.85 -4.02
C GLY A 144 -15.18 -15.00 -4.71
N MET A 145 -16.38 -14.71 -5.18
CA MET A 145 -17.20 -15.69 -5.89
C MET A 145 -17.04 -15.60 -7.40
N GLY A 146 -16.54 -14.49 -7.89
CA GLY A 146 -16.42 -14.28 -9.31
C GLY A 146 -15.44 -13.17 -9.57
N ALA A 147 -15.81 -12.29 -10.50
CA ALA A 147 -14.94 -11.17 -10.84
C ALA A 147 -14.86 -10.18 -9.69
N LEU A 148 -13.65 -9.69 -9.45
CA LEU A 148 -13.45 -8.49 -8.66
C LEU A 148 -13.26 -7.33 -9.62
N VAL A 149 -14.24 -6.44 -9.68
CA VAL A 149 -14.19 -5.35 -10.64
C VAL A 149 -13.19 -4.31 -10.18
N ASP A 150 -12.23 -4.01 -11.05
CA ASP A 150 -11.22 -2.98 -10.81
C ASP A 150 -11.83 -1.64 -11.14
N LEU A 151 -12.21 -0.88 -10.10
CA LEU A 151 -12.90 0.38 -10.33
C LEU A 151 -11.92 1.50 -10.64
N THR A 152 -10.63 1.24 -10.49
CA THR A 152 -9.62 2.23 -10.86
C THR A 152 -9.54 2.39 -12.37
N ILE A 153 -9.90 1.34 -13.12
CA ILE A 153 -9.93 1.40 -14.57
C ILE A 153 -11.32 1.15 -15.14
N THR A 154 -12.36 1.35 -14.34
CA THR A 154 -13.74 1.20 -14.77
C THR A 154 -14.48 2.48 -14.45
N GLU A 155 -15.39 2.88 -15.34
CA GLU A 155 -16.17 4.09 -15.11
C GLU A 155 -17.15 3.89 -13.95
N GLY A 156 -17.25 4.92 -13.11
CA GLY A 156 -18.20 4.87 -12.04
C GLY A 156 -17.66 4.12 -10.82
N GLY A 157 -18.60 3.60 -10.04
CA GLY A 157 -18.24 2.92 -8.82
C GLY A 157 -17.70 3.85 -7.76
N ASP A 158 -18.24 5.05 -7.63
CA ASP A 158 -17.74 6.04 -6.69
C ASP A 158 -18.77 6.40 -5.63
N GLN A 159 -19.74 5.55 -5.37
CA GLN A 159 -20.66 5.77 -4.26
C GLN A 159 -19.93 5.60 -2.94
N MET A 160 -20.09 6.58 -2.06
CA MET A 160 -19.42 6.51 -0.78
C MET A 160 -20.32 5.89 0.27
N PRO A 161 -19.77 5.28 1.31
CA PRO A 161 -20.62 4.67 2.34
C PRO A 161 -21.48 5.72 3.03
N GLY A 162 -22.77 5.43 3.09
CA GLY A 162 -23.74 6.35 3.65
C GLY A 162 -25.14 5.92 3.26
N ALA B 2 42.90 57.54 9.43
CA ALA B 2 41.94 57.32 10.49
C ALA B 2 42.41 56.23 11.43
N PHE B 3 42.19 56.43 12.74
CA PHE B 3 42.59 55.48 13.78
C PHE B 3 44.08 55.21 13.73
N GLU B 4 44.86 56.28 13.57
CA GLU B 4 46.32 56.20 13.52
C GLU B 4 46.79 55.20 12.46
N GLU B 5 46.16 55.26 11.28
CA GLU B 5 46.48 54.39 10.15
C GLU B 5 46.24 52.91 10.46
N ASN B 6 45.30 52.61 11.35
CA ASN B 6 44.95 51.24 11.72
C ASN B 6 46.14 50.48 12.26
N LEU B 7 47.01 51.17 13.00
CA LEU B 7 48.19 50.53 13.58
C LEU B 7 47.79 49.45 14.58
N TYR B 8 46.82 49.73 15.44
CA TYR B 8 46.41 48.79 16.47
C TYR B 8 44.93 48.45 16.45
N CYS B 9 44.17 48.95 15.47
CA CYS B 9 42.76 48.59 15.33
C CYS B 9 42.41 48.48 13.86
N ASP B 10 41.93 47.32 13.45
CA ASP B 10 41.48 47.06 12.09
C ASP B 10 39.97 46.90 12.07
N TYR B 11 39.30 47.72 11.29
CA TYR B 11 37.85 47.66 11.19
C TYR B 11 37.41 46.87 9.97
N ALA B 16 31.60 38.69 9.82
CA ALA B 16 32.34 37.78 8.96
C ALA B 16 33.13 36.78 9.79
N LYS B 17 33.27 37.07 11.08
CA LYS B 17 34.04 36.20 11.96
C LYS B 17 33.12 35.30 12.77
N ALA B 18 31.92 35.80 13.10
CA ALA B 18 30.89 35.02 13.78
C ALA B 18 29.56 35.73 13.60
N VAL B 19 28.50 34.95 13.60
CA VAL B 19 27.14 35.46 13.53
C VAL B 19 26.48 35.28 14.88
N ALA B 20 25.93 36.36 15.43
CA ALA B 20 25.15 36.25 16.64
C ALA B 20 23.90 35.41 16.40
N GLY B 21 23.63 34.49 17.33
CA GLY B 21 22.48 33.61 17.16
C GLY B 21 21.16 34.36 17.10
N LYS B 22 21.10 35.54 17.70
CA LYS B 22 19.85 36.29 17.76
C LYS B 22 19.47 36.84 16.38
N ASP B 23 20.40 36.87 15.44
CA ASP B 23 20.08 37.37 14.10
C ASP B 23 19.54 36.26 13.21
N VAL B 24 19.64 35.01 13.66
CA VAL B 24 19.15 33.90 12.87
C VAL B 24 17.81 33.43 13.43
N ILE B 25 16.75 33.63 12.66
CA ILE B 25 15.40 33.37 13.14
C ILE B 25 14.67 32.43 12.20
N LEU B 26 13.70 31.73 12.76
CA LEU B 26 12.77 30.89 12.01
C LEU B 26 11.56 31.72 11.62
N ALA B 27 11.16 31.62 10.36
CA ALA B 27 9.98 32.29 9.86
C ALA B 27 9.13 31.28 9.10
N VAL B 28 7.81 31.43 9.19
CA VAL B 28 6.88 30.56 8.50
C VAL B 28 6.02 31.42 7.59
N PHE B 29 5.57 30.84 6.49
CA PHE B 29 4.57 31.50 5.66
C PHE B 29 3.19 31.24 6.21
N ASN B 30 2.30 32.22 6.06
CA ASN B 30 0.90 32.00 6.36
C ASN B 30 0.30 31.03 5.33
N ALA B 31 -0.94 30.62 5.60
CA ALA B 31 -1.53 29.53 4.82
C ALA B 31 -1.62 29.88 3.34
N ALA B 32 -1.78 31.16 3.02
CA ALA B 32 -1.91 31.56 1.62
C ALA B 32 -0.54 31.72 0.97
N GLY B 33 0.48 32.03 1.75
CA GLY B 33 1.82 32.23 1.22
C GLY B 33 2.18 33.67 0.93
N ASP B 34 1.35 34.62 1.34
CA ASP B 34 1.60 36.02 0.98
C ASP B 34 2.30 36.77 2.10
N LYS B 35 2.34 36.21 3.29
CA LYS B 35 3.03 36.83 4.41
C LYS B 35 4.02 35.85 5.01
N LEU B 36 5.24 36.31 5.25
CA LEU B 36 6.27 35.53 5.92
C LEU B 36 6.40 36.05 7.35
N LEU B 37 6.22 35.16 8.31
CA LEU B 37 6.06 35.54 9.71
C LEU B 37 7.17 34.96 10.57
N ALA B 38 7.97 35.85 11.15
CA ALA B 38 8.89 35.42 12.20
C ALA B 38 8.11 34.85 13.37
N VAL B 39 8.51 33.66 13.81
CA VAL B 39 7.85 33.03 14.95
C VAL B 39 8.10 33.86 16.20
N ALA B 40 7.03 34.27 16.85
CA ALA B 40 7.12 35.26 17.93
C ALA B 40 7.75 34.66 19.18
N GLY B 41 8.58 35.45 19.83
CA GLY B 41 9.19 35.07 21.09
C GLY B 41 10.25 34.00 21.01
N GLN B 42 10.76 33.68 19.82
CA GLN B 42 11.69 32.57 19.68
C GLN B 42 13.03 32.90 20.33
N GLN B 43 13.62 31.88 20.95
CA GLN B 43 14.88 32.03 21.66
C GLN B 43 15.94 31.02 21.23
N GLY B 44 15.56 29.81 20.90
CA GLY B 44 16.52 28.82 20.46
C GLY B 44 16.16 28.22 19.12
N LEU B 45 17.17 27.92 18.32
CA LEU B 45 16.97 27.39 16.98
C LEU B 45 17.97 26.27 16.74
N THR B 46 17.49 25.12 16.29
CA THR B 46 18.33 24.02 15.86
C THR B 46 17.88 23.57 14.48
N VAL B 47 18.82 23.52 13.55
CA VAL B 47 18.60 22.96 12.23
C VAL B 47 19.38 21.66 12.14
N ASN B 48 18.68 20.55 12.05
CA ASN B 48 19.29 19.23 11.97
C ASN B 48 19.25 18.75 10.53
N ARG B 49 20.41 18.38 9.99
CA ARG B 49 20.50 17.72 8.69
C ARG B 49 21.40 16.51 8.83
N SER B 50 20.90 15.35 8.46
CA SER B 50 21.66 14.12 8.56
C SER B 50 21.51 13.31 7.29
N LYS B 51 22.46 12.42 7.07
CA LYS B 51 22.48 11.52 5.94
C LYS B 51 22.75 10.11 6.45
N ASP B 52 22.08 9.13 5.87
CA ASP B 52 22.36 7.75 6.23
C ASP B 52 23.65 7.26 5.60
N SER B 53 24.28 6.29 6.25
CA SER B 53 25.44 5.59 5.72
C SER B 53 25.06 4.14 5.45
N ILE B 54 25.36 3.67 4.25
CA ILE B 54 25.15 2.28 3.87
C ILE B 54 26.49 1.57 3.92
N GLU B 55 26.60 0.54 4.75
CA GLU B 55 27.81 -0.27 4.76
C GLU B 55 27.79 -1.24 3.59
N ILE B 56 28.86 -1.23 2.81
CA ILE B 56 29.00 -2.10 1.65
C ILE B 56 30.27 -2.95 1.76
N THR B 57 30.72 -3.22 2.98
CA THR B 57 31.85 -4.10 3.19
C THR B 57 31.55 -5.50 2.66
N SER B 58 32.51 -6.06 1.94
CA SER B 58 32.41 -7.42 1.46
C SER B 58 33.76 -8.09 1.66
N LYS B 59 33.89 -9.31 1.13
CA LYS B 59 35.17 -9.99 1.19
C LYS B 59 36.14 -9.45 0.14
N ASP B 60 35.65 -8.62 -0.79
CA ASP B 60 36.54 -7.91 -1.69
C ASP B 60 37.20 -6.73 -1.00
N THR B 61 36.63 -6.26 0.10
CA THR B 61 37.16 -5.11 0.81
C THR B 61 38.55 -5.42 1.37
N VAL B 62 39.52 -4.59 1.02
CA VAL B 62 40.91 -4.79 1.39
C VAL B 62 41.34 -3.67 2.33
N GLY B 63 42.26 -3.99 3.22
CA GLY B 63 42.84 -3.00 4.09
C GLY B 63 42.35 -2.99 5.52
N GLY B 64 41.27 -3.70 5.81
CA GLY B 64 40.80 -3.79 7.19
C GLY B 64 39.87 -2.70 7.63
N TRP B 65 39.35 -1.89 6.71
CA TRP B 65 38.42 -0.82 7.04
C TRP B 65 37.07 -1.15 6.43
N LYS B 66 36.01 -0.79 7.14
CA LYS B 66 34.67 -0.94 6.58
C LYS B 66 34.47 -0.01 5.39
N SER B 67 33.62 -0.43 4.47
CA SER B 67 33.30 0.34 3.28
C SER B 67 31.89 0.89 3.39
N LYS B 68 31.75 2.20 3.22
CA LYS B 68 30.46 2.86 3.39
C LYS B 68 30.19 3.81 2.24
N ILE B 69 28.90 3.97 1.91
CA ILE B 69 28.45 4.97 0.98
C ILE B 69 27.32 5.76 1.62
N GLY B 70 27.09 6.97 1.12
CA GLY B 70 26.05 7.81 1.69
C GLY B 70 24.67 7.35 1.26
N GLY B 71 23.69 7.57 2.14
CA GLY B 71 22.31 7.26 1.86
C GLY B 71 21.47 8.49 1.65
N MET B 72 20.20 8.40 2.07
CA MET B 72 19.28 9.50 1.89
C MET B 72 19.38 10.49 3.03
N LYS B 73 18.95 11.72 2.75
CA LYS B 73 19.03 12.82 3.70
C LYS B 73 17.68 13.06 4.35
N GLU B 74 17.71 13.59 5.57
CA GLU B 74 16.53 14.04 6.27
C GLU B 74 16.89 15.26 7.09
N TRP B 75 15.88 16.05 7.45
CA TRP B 75 16.12 17.25 8.22
C TRP B 75 14.96 17.49 9.17
N SER B 76 15.25 18.25 10.23
CA SER B 76 14.23 18.77 11.12
C SER B 76 14.70 20.10 11.66
N ILE B 77 13.75 20.89 12.16
CA ILE B 77 14.04 22.15 12.80
C ILE B 77 13.38 22.15 14.17
N GLU B 78 14.15 22.50 15.19
CA GLU B 78 13.63 22.64 16.53
C GLU B 78 13.71 24.11 16.93
N ASN B 79 12.61 24.64 17.44
CA ASN B 79 12.52 26.04 17.82
C ASN B 79 11.77 26.15 19.12
N ASP B 80 12.31 26.91 20.06
CA ASP B 80 11.68 27.15 21.33
C ASP B 80 11.71 28.64 21.61
N GLY B 81 10.85 29.09 22.51
CA GLY B 81 10.86 30.49 22.90
C GLY B 81 9.70 30.83 23.80
N LEU B 82 9.51 32.12 24.01
CA LEU B 82 8.40 32.60 24.81
C LEU B 82 7.10 32.50 24.03
N TYR B 83 6.10 31.86 24.64
CA TYR B 83 4.84 31.60 23.99
C TYR B 83 3.84 32.72 24.28
N VAL B 84 3.33 33.33 23.23
CA VAL B 84 2.20 34.26 23.31
C VAL B 84 1.15 33.78 22.33
N ALA B 85 -0.03 33.43 22.85
CA ALA B 85 -0.98 32.61 22.09
C ALA B 85 -1.65 33.41 20.97
N ASP B 86 -1.78 34.72 21.11
CA ASP B 86 -2.50 35.49 20.11
C ASP B 86 -1.55 36.08 19.06
N ALA B 87 -0.26 35.79 19.19
CA ALA B 87 0.68 36.18 18.15
C ALA B 87 0.30 35.53 16.82
N GLU B 88 0.48 36.27 15.73
CA GLU B 88 -0.02 35.80 14.44
C GLU B 88 0.74 34.56 13.98
N SER B 89 2.04 34.50 14.24
CA SER B 89 2.81 33.33 13.83
C SER B 89 2.40 32.09 14.60
N HIS B 90 2.03 32.26 15.87
CA HIS B 90 1.62 31.11 16.67
C HIS B 90 0.21 30.65 16.29
N LYS B 91 -0.65 31.57 15.89
CA LYS B 91 -1.94 31.18 15.35
C LYS B 91 -1.79 30.43 14.04
N GLU B 92 -0.83 30.84 13.20
CA GLU B 92 -0.57 30.11 11.98
C GLU B 92 -0.05 28.71 12.28
N LEU B 93 0.90 28.60 13.20
CA LEU B 93 1.43 27.29 13.59
C LEU B 93 0.32 26.42 14.17
N ALA B 94 -0.58 27.01 14.95
CA ALA B 94 -1.69 26.26 15.51
C ALA B 94 -2.61 25.72 14.43
N LYS B 95 -2.90 26.53 13.40
CA LYS B 95 -3.75 26.07 12.32
C LYS B 95 -3.05 25.00 11.49
N TYR B 96 -1.74 25.13 11.29
CA TYR B 96 -1.00 24.10 10.57
C TYR B 96 -1.04 22.78 11.33
N PHE B 97 -0.87 22.84 12.66
CA PHE B 97 -0.91 21.62 13.45
C PHE B 97 -2.31 21.01 13.47
N GLU B 98 -3.34 21.85 13.48
CA GLU B 98 -4.71 21.35 13.55
C GLU B 98 -5.17 20.76 12.22
N SER B 99 -4.78 21.39 11.11
CA SER B 99 -5.36 21.02 9.82
C SER B 99 -4.54 19.96 9.10
N ASP B 100 -3.46 19.48 9.71
CA ASP B 100 -2.55 18.52 9.09
C ASP B 100 -2.04 19.03 7.74
N SER B 101 -1.61 20.27 7.70
CA SER B 101 -1.15 20.87 6.48
C SER B 101 0.33 21.21 6.60
N PRO B 102 1.14 20.95 5.57
CA PRO B 102 2.55 21.32 5.63
C PRO B 102 2.74 22.83 5.69
N VAL B 103 3.78 23.24 6.41
CA VAL B 103 4.11 24.65 6.55
C VAL B 103 5.43 24.91 5.83
N CYS B 104 5.47 25.96 5.03
CA CYS B 104 6.69 26.42 4.40
C CYS B 104 7.49 27.26 5.39
N VAL B 105 8.67 26.78 5.77
CA VAL B 105 9.47 27.42 6.80
C VAL B 105 10.74 27.98 6.15
N LYS B 106 11.33 28.96 6.80
CA LYS B 106 12.53 29.62 6.31
C LYS B 106 13.41 30.00 7.47
N ILE B 107 14.71 29.76 7.34
CA ILE B 107 15.72 30.23 8.27
C ILE B 107 16.42 31.41 7.61
N ILE B 108 16.40 32.57 8.27
CA ILE B 108 17.00 33.76 7.70
C ILE B 108 17.93 34.40 8.72
N ASN B 109 18.97 35.04 8.20
CA ASN B 109 19.80 35.97 8.97
C ASN B 109 19.19 37.34 8.79
N GLN B 110 18.51 37.84 9.83
CA GLN B 110 17.78 39.10 9.68
C GLN B 110 18.72 40.29 9.68
N ALA B 111 19.94 40.12 10.20
CA ALA B 111 20.91 41.21 10.18
C ALA B 111 21.53 41.38 8.81
N SER B 112 21.92 40.26 8.18
CA SER B 112 22.54 40.35 6.86
C SER B 112 21.49 40.24 5.76
N LYS B 113 20.25 39.95 6.11
CA LYS B 113 19.11 39.81 5.20
C LYS B 113 19.33 38.74 4.14
N LYS B 114 19.93 37.61 4.51
CA LYS B 114 20.08 36.47 3.61
C LYS B 114 19.28 35.30 4.16
N GLY B 115 18.58 34.60 3.29
CA GLY B 115 17.98 33.33 3.69
C GLY B 115 19.04 32.25 3.79
N LEU B 116 18.85 31.34 4.73
CA LEU B 116 19.78 30.25 4.95
C LEU B 116 19.22 28.90 4.49
N PHE B 117 18.01 28.57 4.92
CA PHE B 117 17.39 27.29 4.60
C PHE B 117 15.90 27.48 4.43
N GLY B 118 15.30 26.67 3.58
CA GLY B 118 13.86 26.69 3.39
C GLY B 118 13.34 25.35 2.94
N GLY B 119 12.14 25.01 3.35
CA GLY B 119 11.55 23.74 2.96
C GLY B 119 10.19 23.54 3.57
N LEU B 120 9.55 22.46 3.13
CA LEU B 120 8.23 22.06 3.62
C LEU B 120 8.40 21.13 4.81
N ALA B 121 7.69 21.42 5.88
CA ALA B 121 7.81 20.64 7.10
C ALA B 121 6.46 20.23 7.65
N ILE B 122 6.41 19.06 8.26
CA ILE B 122 5.32 18.70 9.16
C ILE B 122 5.55 19.39 10.49
N VAL B 123 4.49 19.95 11.06
CA VAL B 123 4.55 20.36 12.47
C VAL B 123 4.44 19.08 13.28
N ALA B 124 5.59 18.55 13.68
CA ALA B 124 5.64 17.22 14.29
C ALA B 124 5.41 17.30 15.79
N ASP B 125 5.73 18.43 16.39
CA ASP B 125 5.58 18.62 17.82
C ASP B 125 5.36 20.10 18.09
N TYR B 126 4.40 20.42 18.94
CA TYR B 126 4.08 21.79 19.29
C TYR B 126 3.59 21.80 20.73
N SER B 127 4.52 22.03 21.66
CA SER B 127 4.27 21.80 23.08
C SER B 127 4.57 23.07 23.85
N PHE B 128 4.14 23.08 25.11
CA PHE B 128 4.19 24.27 25.95
C PHE B 128 4.55 23.90 27.38
N GLU B 129 5.26 24.79 28.05
CA GLU B 129 5.59 24.66 29.46
C GLU B 129 5.25 25.95 30.17
N ALA B 130 4.67 25.83 31.36
CA ALA B 130 4.28 26.98 32.18
C ALA B 130 4.71 26.73 33.61
N PRO B 131 5.97 27.01 33.94
CA PRO B 131 6.39 26.95 35.35
C PRO B 131 5.87 28.15 36.11
N PHE B 132 5.60 27.97 37.39
CA PHE B 132 4.97 29.03 38.17
C PHE B 132 5.92 30.21 38.38
N ASP B 133 7.23 29.97 38.26
CA ASP B 133 8.19 31.01 38.55
C ASP B 133 8.89 31.56 37.31
N GLU B 134 8.45 31.16 36.11
CA GLU B 134 9.07 31.61 34.88
C GLU B 134 8.00 32.05 33.89
N ALA B 135 8.42 32.30 32.66
CA ALA B 135 7.48 32.63 31.61
C ALA B 135 7.04 31.37 30.87
N MET B 136 5.82 31.42 30.34
CA MET B 136 5.33 30.31 29.54
C MET B 136 6.11 30.22 28.24
N THR B 137 6.59 29.02 27.93
CA THR B 137 7.37 28.79 26.73
C THR B 137 6.65 27.82 25.81
N TYR B 138 7.02 27.88 24.54
CA TYR B 138 6.59 26.91 23.55
C TYR B 138 7.80 26.15 23.06
N SER B 139 7.55 25.00 22.45
CA SER B 139 8.57 24.23 21.77
C SER B 139 7.92 23.63 20.53
N VAL B 140 8.53 23.83 19.38
CA VAL B 140 7.98 23.32 18.13
C VAL B 140 9.06 22.51 17.42
N LYS B 141 8.66 21.39 16.85
CA LYS B 141 9.52 20.56 16.02
C LYS B 141 8.94 20.51 14.62
N LEU B 142 9.76 20.84 13.63
CA LEU B 142 9.36 20.83 12.24
C LEU B 142 10.08 19.71 11.52
N ASP B 143 9.35 18.67 11.15
CA ASP B 143 9.89 17.51 10.47
C ASP B 143 9.85 17.73 8.97
N GLY B 144 11.01 17.64 8.33
CA GLY B 144 11.07 17.89 6.90
C GLY B 144 10.35 16.83 6.10
N MET B 145 9.63 17.27 5.07
CA MET B 145 8.90 16.38 4.19
C MET B 145 9.68 16.02 2.95
N GLY B 146 10.70 16.79 2.62
CA GLY B 146 11.46 16.56 1.42
C GLY B 146 12.77 17.27 1.52
N ALA B 147 13.15 17.93 0.42
CA ALA B 147 14.41 18.66 0.40
C ALA B 147 14.36 19.87 1.32
N LEU B 148 15.44 20.09 2.04
CA LEU B 148 15.70 21.36 2.68
C LEU B 148 16.66 22.13 1.78
N VAL B 149 16.17 23.19 1.15
CA VAL B 149 16.99 23.92 0.21
C VAL B 149 18.01 24.77 0.95
N ASP B 150 19.27 24.57 0.62
CA ASP B 150 20.38 25.33 1.19
C ASP B 150 20.48 26.65 0.44
N LEU B 151 20.00 27.73 1.06
CA LEU B 151 19.94 29.01 0.38
C LEU B 151 21.29 29.73 0.44
N THR B 152 22.23 29.19 1.22
CA THR B 152 23.57 29.76 1.25
C THR B 152 24.31 29.48 -0.04
N ILE B 153 23.96 28.39 -0.73
CA ILE B 153 24.56 28.06 -2.01
C ILE B 153 23.53 28.03 -3.14
N THR B 154 22.39 28.69 -2.96
CA THR B 154 21.36 28.77 -3.99
C THR B 154 21.05 30.25 -4.22
N GLU B 155 20.79 30.60 -5.47
CA GLU B 155 20.46 31.98 -5.79
C GLU B 155 19.10 32.36 -5.23
N GLY B 156 19.02 33.55 -4.68
CA GLY B 156 17.76 34.05 -4.19
C GLY B 156 17.46 33.55 -2.79
N GLY B 157 16.16 33.52 -2.50
CA GLY B 157 15.72 33.13 -1.17
C GLY B 157 16.08 34.14 -0.10
N ASP B 158 15.98 35.42 -0.40
CA ASP B 158 16.35 36.48 0.54
C ASP B 158 15.18 37.37 0.92
N GLN B 159 13.94 36.88 0.79
CA GLN B 159 12.80 37.63 1.29
C GLN B 159 12.81 37.64 2.81
N MET B 160 12.67 38.82 3.38
CA MET B 160 12.67 38.94 4.81
C MET B 160 11.26 38.88 5.37
N PRO B 161 11.09 38.45 6.62
CA PRO B 161 9.74 38.39 7.19
C PRO B 161 9.09 39.76 7.26
N GLY B 162 7.89 39.84 6.71
CA GLY B 162 7.15 41.08 6.62
C GLY B 162 5.99 40.94 5.66
N ALA C 2 46.17 17.00 -7.44
CA ALA C 2 44.89 17.18 -6.76
C ALA C 2 44.77 16.20 -5.60
N PHE C 3 44.20 16.69 -4.49
CA PHE C 3 44.01 15.89 -3.28
C PHE C 3 45.33 15.32 -2.77
N GLU C 4 46.36 16.17 -2.76
CA GLU C 4 47.70 15.79 -2.30
C GLU C 4 48.21 14.54 -3.02
N GLU C 5 48.02 14.50 -4.34
CA GLU C 5 48.44 13.40 -5.19
C GLU C 5 47.76 12.08 -4.82
N ASN C 6 46.55 12.15 -4.28
CA ASN C 6 45.77 10.96 -3.91
C ASN C 6 46.51 10.08 -2.91
N LEU C 7 47.24 10.72 -2.00
CA LEU C 7 47.98 9.98 -0.98
C LEU C 7 47.04 9.21 -0.07
N TYR C 8 45.95 9.83 0.36
CA TYR C 8 45.01 9.19 1.27
C TYR C 8 43.59 9.14 0.78
N CYS C 9 43.31 9.59 -0.44
CA CYS C 9 41.98 9.50 -1.02
C CYS C 9 42.09 9.20 -2.51
N ASP C 10 41.49 8.09 -2.93
CA ASP C 10 41.44 7.69 -4.33
C ASP C 10 40.03 7.82 -4.84
N TYR C 11 39.85 8.61 -5.90
CA TYR C 11 38.54 8.81 -6.49
C TYR C 11 38.32 7.90 -7.69
N ALA C 16 31.02 1.14 -8.95
CA ALA C 16 31.74 -0.04 -9.41
C ALA C 16 31.97 -1.00 -8.25
N LYS C 17 31.76 -0.50 -7.03
CA LYS C 17 31.97 -1.33 -5.85
C LYS C 17 30.64 -1.87 -5.32
N ALA C 18 29.57 -1.10 -5.49
CA ALA C 18 28.23 -1.51 -5.13
C ALA C 18 27.24 -0.60 -5.82
N VAL C 19 26.06 -1.14 -6.11
CA VAL C 19 24.96 -0.40 -6.72
C VAL C 19 23.89 -0.20 -5.66
N ALA C 20 23.49 1.06 -5.47
CA ALA C 20 22.36 1.33 -4.57
C ALA C 20 21.09 0.72 -5.15
N GLY C 21 20.32 0.06 -4.29
CA GLY C 21 19.11 -0.59 -4.75
C GLY C 21 18.09 0.38 -5.34
N LYS C 22 18.15 1.64 -4.92
CA LYS C 22 17.18 2.62 -5.40
C LYS C 22 17.38 2.97 -6.87
N ASP C 23 18.55 2.63 -7.42
CA ASP C 23 18.79 2.93 -8.83
C ASP C 23 18.31 1.81 -9.72
N VAL C 24 17.94 0.67 -9.14
CA VAL C 24 17.46 -0.45 -9.93
C VAL C 24 15.95 -0.53 -9.83
N ILE C 25 15.26 -0.28 -10.93
CA ILE C 25 13.81 -0.17 -10.92
C ILE C 25 13.20 -1.11 -11.95
N LEU C 26 11.96 -1.49 -11.68
CA LEU C 26 11.14 -2.25 -12.61
C LEU C 26 10.35 -1.29 -13.49
N ALA C 27 10.35 -1.54 -14.79
CA ALA C 27 9.60 -0.76 -15.75
C ALA C 27 8.81 -1.70 -16.64
N VAL C 28 7.61 -1.28 -17.03
CA VAL C 28 6.75 -2.07 -17.90
C VAL C 28 6.46 -1.23 -19.14
N PHE C 29 6.25 -1.91 -20.26
CA PHE C 29 5.76 -1.23 -21.45
C PHE C 29 4.24 -1.11 -21.39
N ASN C 30 3.74 -0.01 -21.95
CA ASN C 30 2.30 0.10 -22.13
C ASN C 30 1.83 -0.89 -23.19
N ALA C 31 0.51 -1.01 -23.32
CA ALA C 31 -0.06 -2.08 -24.13
C ALA C 31 0.40 -2.00 -25.58
N ALA C 32 0.68 -0.79 -26.08
CA ALA C 32 1.10 -0.65 -27.47
C ALA C 32 2.59 -0.89 -27.62
N GLY C 33 3.37 -0.63 -26.57
CA GLY C 33 4.80 -0.79 -26.62
C GLY C 33 5.58 0.46 -26.92
N ASP C 34 4.93 1.62 -26.94
CA ASP C 34 5.61 2.84 -27.34
C ASP C 34 6.10 3.64 -26.14
N LYS C 35 5.62 3.30 -24.94
CA LYS C 35 6.06 3.97 -23.73
C LYS C 35 6.53 2.94 -22.72
N LEU C 36 7.68 3.20 -22.13
CA LEU C 36 8.23 2.38 -21.06
C LEU C 36 8.03 3.10 -19.74
N LEU C 37 7.34 2.46 -18.81
CA LEU C 37 6.85 3.12 -17.59
C LEU C 37 7.46 2.50 -16.36
N ALA C 38 8.23 3.30 -15.62
CA ALA C 38 8.64 2.91 -14.29
C ALA C 38 7.42 2.73 -13.41
N VAL C 39 7.35 1.58 -12.73
CA VAL C 39 6.24 1.32 -11.82
C VAL C 39 6.29 2.30 -10.67
N ALA C 40 5.20 3.03 -10.47
CA ALA C 40 5.18 4.15 -9.55
C ALA C 40 5.23 3.68 -8.10
N GLY C 41 5.98 4.41 -7.27
CA GLY C 41 6.05 4.16 -5.86
C GLY C 41 6.78 2.90 -5.45
N GLN C 42 7.53 2.27 -6.34
CA GLN C 42 8.16 1.00 -6.03
C GLN C 42 9.26 1.16 -4.99
N GLN C 43 9.37 0.19 -4.10
CA GLN C 43 10.33 0.21 -3.02
C GLN C 43 11.20 -1.04 -2.95
N GLY C 44 10.65 -2.20 -3.25
CA GLY C 44 11.42 -3.42 -3.23
C GLY C 44 11.36 -4.17 -4.53
N LEU C 45 12.46 -4.81 -4.90
CA LEU C 45 12.56 -5.54 -6.16
C LEU C 45 13.29 -6.85 -5.91
N THR C 46 12.70 -7.94 -6.38
CA THR C 46 13.33 -9.25 -6.36
C THR C 46 13.24 -9.86 -7.75
N VAL C 47 14.38 -10.25 -8.29
CA VAL C 47 14.45 -10.99 -9.54
C VAL C 47 14.87 -12.42 -9.21
N ASN C 48 13.98 -13.37 -9.41
CA ASN C 48 14.24 -14.78 -9.14
C ASN C 48 14.54 -15.49 -10.44
N ARG C 49 15.67 -16.17 -10.50
CA ARG C 49 16.00 -17.07 -11.60
C ARG C 49 16.48 -18.38 -11.04
N SER C 50 15.85 -19.47 -11.43
CA SER C 50 16.22 -20.78 -10.93
C SER C 50 16.27 -21.77 -12.09
N LYS C 51 17.00 -22.85 -11.86
CA LYS C 51 17.14 -23.94 -12.82
C LYS C 51 16.88 -25.25 -12.10
N ASP C 52 16.21 -26.18 -12.76
CA ASP C 52 16.01 -27.49 -12.18
C ASP C 52 17.27 -28.33 -12.26
N SER C 53 17.41 -29.27 -11.34
CA SER C 53 18.46 -30.27 -11.35
C SER C 53 17.84 -31.64 -11.57
N ILE C 54 18.37 -32.38 -12.53
CA ILE C 54 17.95 -33.75 -12.81
C ILE C 54 18.99 -34.68 -12.23
N GLU C 55 18.58 -35.54 -11.31
CA GLU C 55 19.47 -36.55 -10.79
C GLU C 55 19.59 -37.70 -11.77
N ILE C 56 20.82 -38.05 -12.14
CA ILE C 56 21.09 -39.12 -13.07
C ILE C 56 22.01 -40.18 -12.44
N THR C 57 21.98 -40.29 -11.12
CA THR C 57 22.73 -41.33 -10.43
C THR C 57 22.28 -42.72 -10.87
N SER C 58 23.25 -43.57 -11.16
CA SER C 58 22.98 -44.96 -11.49
C SER C 58 23.98 -45.83 -10.77
N LYS C 59 23.97 -47.13 -11.09
CA LYS C 59 24.95 -48.04 -10.52
C LYS C 59 26.29 -47.89 -11.21
N ASP C 60 26.35 -47.17 -12.33
CA ASP C 60 27.63 -46.82 -12.94
C ASP C 60 28.30 -45.68 -12.20
N THR C 61 27.54 -44.92 -11.41
CA THR C 61 28.10 -43.79 -10.69
C THR C 61 29.11 -44.26 -9.67
N VAL C 62 30.32 -43.71 -9.75
CA VAL C 62 31.43 -44.11 -8.89
C VAL C 62 31.81 -42.94 -8.00
N GLY C 63 32.29 -43.26 -6.80
CA GLY C 63 32.80 -42.26 -5.90
C GLY C 63 31.91 -41.90 -4.74
N GLY C 64 30.64 -42.32 -4.76
CA GLY C 64 29.76 -42.06 -3.64
C GLY C 64 29.04 -40.74 -3.66
N TRP C 65 29.05 -40.03 -4.78
CA TRP C 65 28.37 -38.75 -4.93
C TRP C 65 27.24 -38.91 -5.92
N LYS C 66 26.13 -38.24 -5.68
CA LYS C 66 25.03 -38.22 -6.64
C LYS C 66 25.46 -37.50 -7.91
N SER C 67 24.86 -37.91 -9.02
CA SER C 67 25.14 -37.33 -10.32
C SER C 67 23.93 -36.49 -10.77
N LYS C 68 24.19 -35.23 -11.13
CA LYS C 68 23.12 -34.32 -11.48
C LYS C 68 23.46 -33.55 -12.75
N ILE C 69 22.44 -33.22 -13.51
CA ILE C 69 22.55 -32.33 -14.67
C ILE C 69 21.51 -31.24 -14.54
N GLY C 70 21.76 -30.12 -15.21
CA GLY C 70 20.83 -29.00 -15.13
C GLY C 70 19.59 -29.25 -15.96
N GLY C 71 18.48 -28.67 -15.50
CA GLY C 71 17.22 -28.76 -16.21
C GLY C 71 16.81 -27.44 -16.83
N MET C 72 15.49 -27.21 -16.87
CA MET C 72 14.98 -26.00 -17.49
C MET C 72 14.96 -24.85 -16.48
N LYS C 73 14.96 -23.64 -17.03
CA LYS C 73 15.01 -22.43 -16.24
C LYS C 73 13.63 -21.80 -16.12
N GLU C 74 13.40 -21.08 -15.03
CA GLU C 74 12.20 -20.28 -14.84
C GLU C 74 12.59 -19.02 -14.09
N TRP C 75 11.74 -18.00 -14.19
CA TRP C 75 12.02 -16.75 -13.51
C TRP C 75 10.72 -16.11 -13.05
N SER C 76 10.84 -15.24 -12.06
CA SER C 76 9.75 -14.38 -11.64
C SER C 76 10.34 -13.09 -11.10
N ILE C 77 9.51 -12.06 -11.06
CA ILE C 77 9.90 -10.77 -10.50
C ILE C 77 8.86 -10.39 -9.46
N GLU C 78 9.33 -10.02 -8.28
CA GLU C 78 8.47 -9.52 -7.21
C GLU C 78 8.78 -8.06 -6.98
N ASN C 79 7.75 -7.24 -6.94
CA ASN C 79 7.89 -5.81 -6.78
C ASN C 79 6.81 -5.30 -5.83
N ASP C 80 7.21 -4.51 -4.86
CA ASP C 80 6.29 -3.91 -3.91
C ASP C 80 6.60 -2.43 -3.79
N GLY C 81 5.64 -1.66 -3.32
CA GLY C 81 5.88 -0.25 -3.10
C GLY C 81 4.61 0.47 -2.70
N LEU C 82 4.70 1.80 -2.71
CA LEU C 82 3.54 2.62 -2.40
C LEU C 82 2.57 2.63 -3.57
N TYR C 83 1.31 2.33 -3.28
CA TYR C 83 0.28 2.21 -4.30
C TYR C 83 -0.43 3.53 -4.49
N VAL C 84 -0.43 4.03 -5.71
CA VAL C 84 -1.26 5.16 -6.13
C VAL C 84 -2.04 4.73 -7.35
N ALA C 85 -3.37 4.71 -7.24
CA ALA C 85 -4.20 3.98 -8.20
C ALA C 85 -4.27 4.67 -9.55
N ASP C 86 -4.11 5.99 -9.60
CA ASP C 86 -4.26 6.68 -10.87
C ASP C 86 -2.92 6.86 -11.58
N ALA C 87 -1.84 6.36 -10.99
CA ALA C 87 -0.55 6.35 -11.68
C ALA C 87 -0.66 5.56 -12.97
N GLU C 88 0.04 6.04 -14.01
CA GLU C 88 -0.13 5.44 -15.33
C GLU C 88 0.40 4.01 -15.37
N SER C 89 1.50 3.74 -14.67
CA SER C 89 2.04 2.39 -14.65
C SER C 89 1.11 1.42 -13.94
N HIS C 90 0.42 1.88 -12.90
CA HIS C 90 -0.49 1.01 -12.18
C HIS C 90 -1.78 0.77 -12.96
N LYS C 91 -2.21 1.77 -13.73
CA LYS C 91 -3.33 1.54 -14.65
C LYS C 91 -2.97 0.54 -15.73
N GLU C 92 -1.73 0.61 -16.22
CA GLU C 92 -1.27 -0.39 -17.20
C GLU C 92 -1.24 -1.78 -16.58
N LEU C 93 -0.68 -1.90 -15.39
CA LEU C 93 -0.66 -3.20 -14.70
C LEU C 93 -2.06 -3.72 -14.45
N ALA C 94 -2.98 -2.82 -14.10
CA ALA C 94 -4.37 -3.22 -13.87
C ALA C 94 -5.00 -3.76 -15.15
N LYS C 95 -4.75 -3.11 -16.29
CA LYS C 95 -5.30 -3.59 -17.54
C LYS C 95 -4.67 -4.90 -17.97
N TYR C 96 -3.36 -5.08 -17.71
CA TYR C 96 -2.72 -6.35 -18.01
C TYR C 96 -3.32 -7.47 -17.17
N PHE C 97 -3.56 -7.21 -15.89
CA PHE C 97 -4.15 -8.21 -15.02
C PHE C 97 -5.59 -8.52 -15.42
N GLU C 98 -6.33 -7.51 -15.88
CA GLU C 98 -7.73 -7.71 -16.23
C GLU C 98 -7.87 -8.44 -17.55
N SER C 99 -7.03 -8.12 -18.52
CA SER C 99 -7.25 -8.59 -19.89
C SER C 99 -6.53 -9.91 -20.16
N ASP C 100 -5.84 -10.46 -19.17
CA ASP C 100 -5.06 -11.69 -19.34
C ASP C 100 -4.04 -11.55 -20.46
N SER C 101 -3.33 -10.44 -20.48
CA SER C 101 -2.37 -10.20 -21.53
C SER C 101 -0.97 -10.13 -20.94
N PRO C 102 0.02 -10.72 -21.60
CA PRO C 102 1.40 -10.63 -21.07
C PRO C 102 1.92 -9.21 -21.11
N VAL C 103 2.76 -8.89 -20.14
CA VAL C 103 3.37 -7.57 -20.04
C VAL C 103 4.86 -7.71 -20.27
N CYS C 104 5.40 -6.85 -21.13
CA CYS C 104 6.84 -6.77 -21.33
C CYS C 104 7.47 -5.94 -20.22
N VAL C 105 8.31 -6.56 -19.41
CA VAL C 105 8.89 -5.91 -18.25
C VAL C 105 10.39 -5.74 -18.47
N LYS C 106 10.97 -4.78 -17.77
CA LYS C 106 12.38 -4.48 -17.88
C LYS C 106 12.92 -4.08 -16.53
N ILE C 107 14.10 -4.59 -16.18
CA ILE C 107 14.85 -4.16 -15.01
C ILE C 107 15.99 -3.28 -15.51
N ILE C 108 16.05 -2.04 -15.03
CA ILE C 108 17.08 -1.12 -15.47
C ILE C 108 17.77 -0.50 -14.27
N ASN C 109 19.04 -0.18 -14.46
CA ASN C 109 19.79 0.69 -13.56
C ASN C 109 19.62 2.10 -14.09
N GLN C 110 18.80 2.91 -13.41
CA GLN C 110 18.49 4.23 -13.93
C GLN C 110 19.66 5.20 -13.75
N ALA C 111 20.56 4.90 -12.81
CA ALA C 111 21.72 5.75 -12.62
C ALA C 111 22.77 5.53 -13.70
N SER C 112 23.04 4.26 -14.02
CA SER C 112 24.05 3.98 -15.05
C SER C 112 23.42 3.88 -16.43
N LYS C 113 22.08 3.90 -16.50
CA LYS C 113 21.29 3.83 -17.72
C LYS C 113 21.57 2.56 -18.52
N LYS C 114 21.71 1.42 -17.85
CA LYS C 114 21.85 0.13 -18.51
C LYS C 114 20.65 -0.74 -18.14
N GLY C 115 20.11 -1.45 -19.12
CA GLY C 115 19.13 -2.46 -18.83
C GLY C 115 19.80 -3.70 -18.26
N LEU C 116 19.10 -4.36 -17.34
CA LEU C 116 19.62 -5.56 -16.69
C LEU C 116 18.91 -6.83 -17.17
N PHE C 117 17.58 -6.83 -17.15
CA PHE C 117 16.81 -8.00 -17.53
C PHE C 117 15.54 -7.55 -18.23
N GLY C 118 15.05 -8.38 -19.14
CA GLY C 118 13.80 -8.10 -19.81
C GLY C 118 13.13 -9.38 -20.28
N GLY C 119 11.81 -9.38 -20.27
CA GLY C 119 11.08 -10.57 -20.71
C GLY C 119 9.59 -10.38 -20.59
N LEU C 120 8.87 -11.37 -21.11
CA LEU C 120 7.42 -11.42 -21.07
C LEU C 120 6.97 -12.12 -19.79
N ALA C 121 6.05 -11.51 -19.06
CA ALA C 121 5.60 -12.06 -17.80
C ALA C 121 4.08 -12.09 -17.73
N ILE C 122 3.55 -13.10 -17.05
CA ILE C 122 2.19 -13.05 -16.55
C ILE C 122 2.14 -12.19 -15.30
N VAL C 123 1.13 -11.33 -15.19
CA VAL C 123 0.85 -10.69 -13.91
C VAL C 123 0.18 -11.75 -13.06
N ALA C 124 0.98 -12.41 -12.22
CA ALA C 124 0.50 -13.58 -11.50
C ALA C 124 -0.16 -13.19 -10.19
N ASP C 125 0.23 -12.06 -9.64
CA ASP C 125 -0.31 -11.58 -8.38
C ASP C 125 -0.23 -10.06 -8.36
N TYR C 126 -1.31 -9.41 -7.94
CA TYR C 126 -1.36 -7.96 -7.88
C TYR C 126 -2.26 -7.59 -6.70
N SER C 127 -1.65 -7.36 -5.54
CA SER C 127 -2.37 -7.28 -4.28
C SER C 127 -2.02 -5.98 -3.58
N PHE C 128 -2.82 -5.65 -2.57
CA PHE C 128 -2.74 -4.36 -1.90
C PHE C 128 -2.94 -4.52 -0.41
N GLU C 129 -2.27 -3.68 0.37
CA GLU C 129 -2.45 -3.61 1.81
C GLU C 129 -2.67 -2.17 2.22
N ALA C 130 -3.60 -1.95 3.14
CA ALA C 130 -3.93 -0.62 3.65
C ALA C 130 -4.04 -0.68 5.16
N PRO C 131 -2.93 -0.60 5.87
CA PRO C 131 -2.99 -0.47 7.33
C PRO C 131 -3.41 0.93 7.72
N PHE C 132 -4.11 1.04 8.85
CA PHE C 132 -4.67 2.33 9.24
C PHE C 132 -3.56 3.30 9.64
N ASP C 133 -2.39 2.81 10.01
CA ASP C 133 -1.33 3.67 10.50
C ASP C 133 -0.18 3.83 9.53
N GLU C 134 -0.29 3.31 8.30
CA GLU C 134 0.76 3.39 7.32
C GLU C 134 0.20 3.85 5.98
N ALA C 135 1.04 3.77 4.96
CA ALA C 135 0.58 4.09 3.61
C ALA C 135 0.09 2.84 2.91
N MET C 136 -0.84 3.01 1.99
CA MET C 136 -1.32 1.90 1.19
C MET C 136 -0.22 1.41 0.25
N THR C 137 0.02 0.10 0.27
CA THR C 137 1.06 -0.48 -0.56
C THR C 137 0.46 -1.45 -1.56
N TYR C 138 1.20 -1.70 -2.61
CA TYR C 138 0.88 -2.72 -3.58
C TYR C 138 1.95 -3.80 -3.54
N SER C 139 1.63 -4.95 -4.07
CA SER C 139 2.58 -6.04 -4.28
C SER C 139 2.22 -6.72 -5.58
N VAL C 140 3.20 -6.86 -6.46
CA VAL C 140 2.96 -7.46 -7.76
C VAL C 140 3.96 -8.59 -7.96
N LYS C 141 3.49 -9.70 -8.52
CA LYS C 141 4.34 -10.81 -8.89
C LYS C 141 4.24 -11.01 -10.39
N LEU C 142 5.38 -11.04 -11.07
CA LEU C 142 5.45 -11.23 -12.51
C LEU C 142 6.06 -12.59 -12.81
N ASP C 143 5.24 -13.50 -13.30
CA ASP C 143 5.66 -14.86 -13.61
C ASP C 143 6.16 -14.91 -15.04
N GLY C 144 7.40 -15.34 -15.23
CA GLY C 144 7.96 -15.39 -16.56
C GLY C 144 7.29 -16.41 -17.45
N MET C 145 7.06 -16.03 -18.70
CA MET C 145 6.44 -16.91 -19.68
C MET C 145 7.45 -17.65 -20.53
N GLY C 146 8.68 -17.17 -20.57
CA GLY C 146 9.70 -17.75 -21.40
C GLY C 146 11.06 -17.30 -20.92
N ALA C 147 11.90 -16.96 -21.88
CA ALA C 147 13.24 -16.50 -21.55
C ALA C 147 13.21 -15.16 -20.84
N LEU C 148 14.04 -15.03 -19.81
CA LEU C 148 14.39 -13.73 -19.27
C LEU C 148 15.74 -13.34 -19.85
N VAL C 149 15.75 -12.34 -20.73
CA VAL C 149 16.98 -11.98 -21.40
C VAL C 149 17.88 -11.23 -20.44
N ASP C 150 19.11 -11.73 -20.29
CA ASP C 150 20.13 -11.10 -19.46
C ASP C 150 20.78 -9.99 -20.27
N LEU C 151 20.41 -8.74 -19.97
CA LEU C 151 20.89 -7.62 -20.77
C LEU C 151 22.28 -7.20 -20.31
N THR C 152 22.77 -7.75 -19.21
CA THR C 152 24.13 -7.46 -18.77
C THR C 152 25.15 -8.12 -19.69
N ILE C 153 24.76 -9.22 -20.33
CA ILE C 153 25.64 -9.89 -21.29
C ILE C 153 25.04 -9.93 -22.68
N THR C 154 24.10 -9.04 -22.99
CA THR C 154 23.50 -8.94 -24.31
C THR C 154 23.65 -7.51 -24.80
N GLU C 155 23.90 -7.35 -26.09
CA GLU C 155 24.03 -6.01 -26.66
C GLU C 155 22.70 -5.27 -26.65
N GLY C 156 22.76 -4.00 -26.29
CA GLY C 156 21.57 -3.18 -26.32
C GLY C 156 20.73 -3.34 -25.06
N GLY C 157 19.43 -3.07 -25.24
CA GLY C 157 18.52 -3.10 -24.12
C GLY C 157 18.76 -2.01 -23.11
N ASP C 158 19.08 -0.81 -23.56
CA ASP C 158 19.40 0.30 -22.67
C ASP C 158 18.42 1.46 -22.81
N GLN C 159 17.22 1.21 -23.31
CA GLN C 159 16.19 2.24 -23.32
C GLN C 159 15.72 2.53 -21.90
N MET C 160 15.70 3.81 -21.56
CA MET C 160 15.29 4.19 -20.22
C MET C 160 13.80 4.50 -20.20
N PRO C 161 13.15 4.37 -19.04
CA PRO C 161 11.72 4.67 -18.98
C PRO C 161 11.45 6.13 -19.29
N GLY C 162 10.53 6.34 -20.22
CA GLY C 162 10.19 7.67 -20.70
C GLY C 162 9.39 7.58 -21.98
N ALA D 2 1.62 62.78 28.90
CA ALA D 2 1.97 61.93 30.04
C ALA D 2 3.31 61.25 29.81
N PHE D 3 4.11 61.15 30.88
CA PHE D 3 5.43 60.53 30.83
C PHE D 3 6.32 61.19 29.79
N GLU D 4 6.29 62.53 29.77
CA GLU D 4 7.08 63.33 28.84
C GLU D 4 6.86 62.90 27.40
N GLU D 5 5.60 62.69 27.04
CA GLU D 5 5.18 62.28 25.70
C GLU D 5 5.76 60.93 25.29
N ASN D 6 6.02 60.06 26.26
CA ASN D 6 6.53 58.72 26.01
C ASN D 6 7.87 58.75 25.27
N LEU D 7 8.70 59.75 25.58
CA LEU D 7 9.99 59.87 24.95
C LEU D 7 10.89 58.68 25.27
N TYR D 8 10.91 58.24 26.53
CA TYR D 8 11.77 57.16 26.95
C TYR D 8 11.04 56.01 27.63
N CYS D 9 9.71 56.05 27.70
CA CYS D 9 8.92 54.95 28.25
C CYS D 9 7.63 54.80 27.46
N ASP D 10 7.43 53.62 26.90
CA ASP D 10 6.21 53.28 26.15
C ASP D 10 5.41 52.26 26.95
N TYR D 11 4.17 52.60 27.26
CA TYR D 11 3.31 51.71 28.00
C TYR D 11 2.38 50.92 27.08
N ALA D 16 1.65 40.95 26.25
CA ALA D 16 1.69 40.75 24.81
C ALA D 16 3.08 40.33 24.38
N LYS D 17 4.05 40.52 25.27
CA LYS D 17 5.43 40.19 24.94
C LYS D 17 5.82 38.84 25.55
N ALA D 18 5.25 38.52 26.69
CA ALA D 18 5.44 37.22 27.34
C ALA D 18 4.33 37.02 28.37
N VAL D 19 3.98 35.76 28.60
CA VAL D 19 3.00 35.38 29.59
C VAL D 19 3.73 34.72 30.75
N ALA D 20 3.49 35.21 31.96
CA ALA D 20 4.02 34.55 33.14
C ALA D 20 3.40 33.17 33.29
N GLY D 21 4.24 32.17 33.58
CA GLY D 21 3.77 30.81 33.69
C GLY D 21 2.73 30.64 34.79
N LYS D 22 2.78 31.50 35.81
CA LYS D 22 1.89 31.36 36.95
C LYS D 22 0.44 31.70 36.58
N ASP D 23 0.24 32.36 35.44
CA ASP D 23 -1.12 32.70 35.03
C ASP D 23 -1.75 31.59 34.22
N VAL D 24 -0.96 30.60 33.82
CA VAL D 24 -1.47 29.49 33.04
C VAL D 24 -1.64 28.27 33.94
N ILE D 25 -2.89 27.87 34.17
CA ILE D 25 -3.20 26.83 35.13
C ILE D 25 -4.02 25.74 34.48
N LEU D 26 -3.92 24.55 35.05
CA LEU D 26 -4.73 23.40 34.69
C LEU D 26 -5.97 23.39 35.57
N ALA D 27 -7.13 23.19 34.95
CA ALA D 27 -8.39 23.08 35.66
C ALA D 27 -9.13 21.85 35.15
N VAL D 28 -9.84 21.18 36.06
CA VAL D 28 -10.62 19.99 35.72
C VAL D 28 -12.07 20.27 36.07
N PHE D 29 -12.97 19.64 35.34
CA PHE D 29 -14.37 19.66 35.73
C PHE D 29 -14.65 18.58 36.75
N ASN D 30 -15.57 18.87 37.66
CA ASN D 30 -16.05 17.83 38.56
C ASN D 30 -16.87 16.81 37.77
N ALA D 31 -17.22 15.71 38.45
CA ALA D 31 -17.81 14.57 37.75
C ALA D 31 -19.10 14.93 37.04
N ALA D 32 -19.84 15.90 37.57
CA ALA D 32 -21.11 16.28 36.95
C ALA D 32 -20.90 17.27 35.82
N GLY D 33 -19.83 18.05 35.88
CA GLY D 33 -19.55 19.05 34.88
C GLY D 33 -20.02 20.44 35.20
N ASP D 34 -20.48 20.69 36.42
CA ASP D 34 -21.07 21.98 36.74
C ASP D 34 -20.06 22.90 37.43
N LYS D 35 -18.95 22.35 37.88
CA LYS D 35 -17.90 23.15 38.51
C LYS D 35 -16.58 22.88 37.82
N LEU D 36 -15.87 23.95 37.50
CA LEU D 36 -14.53 23.88 36.94
C LEU D 36 -13.53 24.22 38.03
N LEU D 37 -12.60 23.31 38.30
CA LEU D 37 -11.74 23.39 39.48
C LEU D 37 -10.28 23.50 39.08
N ALA D 38 -9.67 24.62 39.43
CA ALA D 38 -8.23 24.73 39.35
C ALA D 38 -7.58 23.70 40.27
N VAL D 39 -6.64 22.93 39.72
CA VAL D 39 -5.93 21.94 40.51
C VAL D 39 -5.10 22.64 41.58
N ALA D 40 -5.34 22.27 42.84
CA ALA D 40 -4.78 23.00 43.95
C ALA D 40 -3.28 22.77 44.09
N GLY D 41 -2.56 23.85 44.42
CA GLY D 41 -1.14 23.78 44.68
C GLY D 41 -0.27 23.56 43.47
N GLN D 42 -0.79 23.71 42.26
CA GLN D 42 -0.02 23.37 41.07
C GLN D 42 1.12 24.37 40.86
N GLN D 43 2.25 23.85 40.39
CA GLN D 43 3.46 24.63 40.19
C GLN D 43 4.04 24.50 38.80
N GLY D 44 3.96 23.32 38.19
CA GLY D 44 4.49 23.14 36.86
C GLY D 44 3.45 22.58 35.92
N LEU D 45 3.49 23.00 34.66
CA LEU D 45 2.54 22.58 33.65
C LEU D 45 3.27 22.30 32.35
N THR D 46 3.02 21.14 31.78
CA THR D 46 3.51 20.80 30.46
C THR D 46 2.36 20.30 29.60
N VAL D 47 2.19 20.90 28.43
CA VAL D 47 1.23 20.44 27.44
C VAL D 47 2.01 19.88 26.27
N ASN D 48 1.91 18.57 26.07
CA ASN D 48 2.62 17.88 24.99
C ASN D 48 1.64 17.61 23.86
N ARG D 49 2.00 18.05 22.66
CA ARG D 49 1.27 17.69 21.44
C ARG D 49 2.26 17.25 20.40
N SER D 50 2.08 16.04 19.87
CA SER D 50 2.98 15.50 18.88
C SER D 50 2.18 14.88 17.75
N LYS D 51 2.83 14.75 16.60
CA LYS D 51 2.26 14.15 15.41
C LYS D 51 3.25 13.14 14.87
N ASP D 52 2.75 12.00 14.38
CA ASP D 52 3.63 11.02 13.77
C ASP D 52 4.03 11.46 12.36
N SER D 53 5.18 10.98 11.93
CA SER D 53 5.65 11.16 10.56
C SER D 53 5.70 9.80 9.88
N ILE D 54 5.11 9.71 8.70
CA ILE D 54 5.14 8.50 7.89
C ILE D 54 6.15 8.72 6.77
N GLU D 55 7.17 7.88 6.72
CA GLU D 55 8.12 7.94 5.62
C GLU D 55 7.53 7.27 4.40
N ILE D 56 7.53 7.97 3.28
CA ILE D 56 7.01 7.47 2.02
C ILE D 56 8.07 7.52 0.92
N THR D 57 9.33 7.46 1.31
CA THR D 57 10.42 7.40 0.34
C THR D 57 10.30 6.15 -0.53
N SER D 58 10.46 6.33 -1.83
CA SER D 58 10.48 5.23 -2.77
C SER D 58 11.60 5.46 -3.77
N LYS D 59 11.65 4.62 -4.79
CA LYS D 59 12.63 4.82 -5.86
C LYS D 59 12.20 5.92 -6.81
N ASP D 60 10.96 6.39 -6.70
CA ASP D 60 10.53 7.57 -7.43
C ASP D 60 11.05 8.84 -6.78
N THR D 61 11.42 8.77 -5.50
CA THR D 61 11.89 9.94 -4.79
C THR D 61 13.20 10.45 -5.40
N VAL D 62 13.20 11.73 -5.77
CA VAL D 62 14.33 12.35 -6.44
C VAL D 62 14.93 13.42 -5.54
N GLY D 63 16.23 13.61 -5.66
CA GLY D 63 16.90 14.67 -4.94
C GLY D 63 17.72 14.25 -3.75
N GLY D 64 17.57 13.02 -3.28
CA GLY D 64 18.38 12.53 -2.18
C GLY D 64 17.84 12.82 -0.80
N TRP D 65 16.60 13.25 -0.68
CA TRP D 65 15.99 13.53 0.61
C TRP D 65 14.87 12.54 0.84
N LYS D 66 14.70 12.13 2.09
CA LYS D 66 13.58 11.26 2.44
C LYS D 66 12.25 12.01 2.27
N SER D 67 11.21 11.27 1.97
CA SER D 67 9.87 11.81 1.78
C SER D 67 8.99 11.41 2.95
N LYS D 68 8.36 12.39 3.58
CA LYS D 68 7.56 12.16 4.78
C LYS D 68 6.22 12.87 4.68
N ILE D 69 5.21 12.26 5.29
CA ILE D 69 3.90 12.88 5.47
C ILE D 69 3.52 12.78 6.94
N GLY D 70 2.62 13.67 7.36
CA GLY D 70 2.20 13.68 8.75
C GLY D 70 1.25 12.54 9.05
N GLY D 71 1.30 12.06 10.29
CA GLY D 71 0.42 11.02 10.76
C GLY D 71 -0.61 11.53 11.75
N MET D 72 -0.96 10.68 12.69
CA MET D 72 -1.98 11.03 13.67
C MET D 72 -1.36 11.78 14.85
N LYS D 73 -2.21 12.54 15.53
CA LYS D 73 -1.79 13.38 16.65
C LYS D 73 -2.12 12.71 17.97
N GLU D 74 -1.35 13.04 18.99
CA GLU D 74 -1.62 12.63 20.36
C GLU D 74 -1.19 13.75 21.29
N TRP D 75 -1.73 13.75 22.50
CA TRP D 75 -1.39 14.78 23.46
C TRP D 75 -1.38 14.21 24.87
N SER D 76 -0.66 14.89 25.75
CA SER D 76 -0.73 14.62 27.17
C SER D 76 -0.46 15.91 27.92
N ILE D 77 -0.87 15.93 29.18
CA ILE D 77 -0.62 17.05 30.06
C ILE D 77 0.05 16.54 31.32
N GLU D 78 1.16 17.17 31.69
CA GLU D 78 1.85 16.86 32.93
C GLU D 78 1.72 18.05 33.86
N ASN D 79 1.32 17.78 35.10
CA ASN D 79 1.11 18.80 36.10
C ASN D 79 1.65 18.32 37.43
N ASP D 80 2.43 19.16 38.09
CA ASP D 80 2.97 18.87 39.40
C ASP D 80 2.73 20.05 40.31
N GLY D 81 2.78 19.82 41.61
CA GLY D 81 2.64 20.91 42.56
C GLY D 81 2.57 20.41 43.98
N LEU D 82 2.21 21.32 44.87
CA LEU D 82 2.04 20.98 46.27
C LEU D 82 0.75 20.20 46.48
N TYR D 83 0.86 19.05 47.12
CA TYR D 83 -0.26 18.15 47.32
C TYR D 83 -0.95 18.44 48.64
N VAL D 84 -2.24 18.72 48.58
CA VAL D 84 -3.10 18.80 49.75
C VAL D 84 -4.29 17.88 49.50
N ALA D 85 -4.44 16.86 50.34
CA ALA D 85 -5.29 15.72 50.01
C ALA D 85 -6.77 16.06 50.08
N ASP D 86 -7.16 17.04 50.91
CA ASP D 86 -8.58 17.33 51.08
C ASP D 86 -9.03 18.45 50.15
N ALA D 87 -8.12 18.97 49.33
CA ALA D 87 -8.52 19.94 48.31
C ALA D 87 -9.54 19.31 47.37
N GLU D 88 -10.51 20.12 46.94
CA GLU D 88 -11.61 19.57 46.16
C GLU D 88 -11.15 19.06 44.81
N SER D 89 -10.20 19.76 44.18
CA SER D 89 -9.70 19.32 42.88
C SER D 89 -8.95 18.01 42.99
N HIS D 90 -8.24 17.79 44.10
CA HIS D 90 -7.49 16.55 44.26
C HIS D 90 -8.41 15.40 44.62
N LYS D 91 -9.51 15.67 45.34
CA LYS D 91 -10.51 14.64 45.55
C LYS D 91 -11.19 14.25 44.24
N GLU D 92 -11.43 15.23 43.36
CA GLU D 92 -11.98 14.91 42.05
C GLU D 92 -11.02 14.07 41.24
N LEU D 93 -9.74 14.46 41.21
CA LEU D 93 -8.74 13.67 40.50
C LEU D 93 -8.63 12.27 41.07
N ALA D 94 -8.72 12.14 42.40
CA ALA D 94 -8.68 10.82 43.03
C ALA D 94 -9.85 9.95 42.59
N LYS D 95 -11.05 10.53 42.52
CA LYS D 95 -12.21 9.76 42.10
C LYS D 95 -12.12 9.40 40.62
N TYR D 96 -11.58 10.30 39.79
CA TYR D 96 -11.37 9.97 38.38
C TYR D 96 -10.39 8.82 38.23
N PHE D 97 -9.31 8.83 39.00
CA PHE D 97 -8.33 7.77 38.92
C PHE D 97 -8.90 6.45 39.44
N GLU D 98 -9.75 6.51 40.47
CA GLU D 98 -10.29 5.30 41.06
C GLU D 98 -11.37 4.69 40.18
N SER D 99 -12.21 5.51 39.56
CA SER D 99 -13.40 5.00 38.89
C SER D 99 -13.16 4.71 37.42
N ASP D 100 -11.93 4.91 36.94
CA ASP D 100 -11.59 4.73 35.53
C ASP D 100 -12.49 5.56 34.62
N SER D 101 -12.68 6.81 34.98
CA SER D 101 -13.55 7.68 34.22
C SER D 101 -12.75 8.81 33.61
N PRO D 102 -13.00 9.19 32.36
CA PRO D 102 -12.27 10.31 31.76
C PRO D 102 -12.59 11.62 32.45
N VAL D 103 -11.60 12.50 32.50
CA VAL D 103 -11.75 13.81 33.11
C VAL D 103 -11.65 14.86 32.02
N CYS D 104 -12.58 15.81 32.01
CA CYS D 104 -12.52 16.95 31.13
C CYS D 104 -11.59 18.00 31.72
N VAL D 105 -10.49 18.27 31.04
CA VAL D 105 -9.46 19.17 31.54
C VAL D 105 -9.43 20.42 30.67
N LYS D 106 -8.91 21.50 31.24
CA LYS D 106 -8.83 22.78 30.56
C LYS D 106 -7.55 23.48 30.98
N ILE D 107 -6.86 24.07 30.01
CA ILE D 107 -5.74 24.96 30.26
C ILE D 107 -6.23 26.38 30.02
N ILE D 108 -6.11 27.24 31.04
CA ILE D 108 -6.58 28.60 30.92
C ILE D 108 -5.48 29.56 31.35
N ASN D 109 -5.51 30.74 30.75
CA ASN D 109 -4.75 31.90 31.22
C ASN D 109 -5.68 32.66 32.15
N GLN D 110 -5.42 32.56 33.46
CA GLN D 110 -6.34 33.15 34.43
C GLN D 110 -6.20 34.67 34.47
N ALA D 111 -5.06 35.19 34.01
CA ALA D 111 -4.88 36.64 33.99
C ALA D 111 -5.64 37.28 32.83
N SER D 112 -5.55 36.67 31.64
CA SER D 112 -6.23 37.23 30.48
C SER D 112 -7.63 36.64 30.33
N LYS D 113 -7.96 35.63 31.14
CA LYS D 113 -9.25 34.94 31.14
C LYS D 113 -9.59 34.31 29.80
N LYS D 114 -8.61 33.72 29.12
CA LYS D 114 -8.85 32.98 27.89
C LYS D 114 -8.50 31.52 28.11
N GLY D 115 -9.33 30.62 27.61
CA GLY D 115 -8.96 29.23 27.58
C GLY D 115 -7.95 28.96 26.48
N LEU D 116 -7.04 28.03 26.74
CA LEU D 116 -6.00 27.68 25.78
C LEU D 116 -6.24 26.32 25.14
N PHE D 117 -6.47 25.29 25.95
CA PHE D 117 -6.66 23.93 25.46
C PHE D 117 -7.69 23.23 26.32
N GLY D 118 -8.41 22.30 25.71
CA GLY D 118 -9.37 21.50 26.45
C GLY D 118 -9.57 20.15 25.78
N GLY D 119 -9.83 19.13 26.59
CA GLY D 119 -10.05 17.80 26.03
C GLY D 119 -10.28 16.78 27.10
N LEU D 120 -10.64 15.58 26.66
CA LEU D 120 -10.87 14.44 27.53
C LEU D 120 -9.56 13.68 27.73
N ALA D 121 -9.23 13.38 28.98
CA ALA D 121 -7.97 12.72 29.28
C ALA D 121 -8.20 11.53 30.22
N ILE D 122 -7.38 10.52 30.04
CA ILE D 122 -7.19 9.51 31.07
C ILE D 122 -6.26 10.06 32.14
N VAL D 123 -6.59 9.82 33.41
CA VAL D 123 -5.62 10.06 34.48
C VAL D 123 -4.65 8.89 34.41
N ALA D 124 -3.53 9.11 33.73
CA ALA D 124 -2.62 8.01 33.43
C ALA D 124 -1.62 7.80 34.55
N ASP D 125 -1.34 8.84 35.32
CA ASP D 125 -0.39 8.77 36.42
C ASP D 125 -0.79 9.80 37.45
N TYR D 126 -0.77 9.40 38.72
CA TYR D 126 -1.13 10.27 39.82
C TYR D 126 -0.30 9.86 41.03
N SER D 127 0.85 10.51 41.20
CA SER D 127 1.87 10.04 42.13
C SER D 127 2.23 11.16 43.09
N PHE D 128 2.93 10.80 44.15
CA PHE D 128 3.23 11.70 45.25
C PHE D 128 4.64 11.47 45.77
N GLU D 129 5.27 12.56 46.23
CA GLU D 129 6.56 12.51 46.87
C GLU D 129 6.51 13.28 48.17
N ALA D 130 7.14 12.72 49.21
CA ALA D 130 7.17 13.34 50.54
C ALA D 130 8.59 13.26 51.08
N PRO D 131 9.46 14.19 50.69
CA PRO D 131 10.78 14.26 51.31
C PRO D 131 10.68 14.84 52.71
N PHE D 132 11.58 14.41 53.59
CA PHE D 132 11.48 14.81 54.99
C PHE D 132 11.80 16.30 55.16
N ASP D 133 12.52 16.90 54.21
CA ASP D 133 12.95 18.27 54.35
C ASP D 133 12.21 19.24 53.43
N GLU D 134 11.18 18.77 52.72
CA GLU D 134 10.43 19.62 51.80
C GLU D 134 8.94 19.43 52.02
N ALA D 135 8.16 19.99 51.11
CA ALA D 135 6.72 19.81 51.15
C ALA D 135 6.31 18.61 50.31
N MET D 136 5.21 17.98 50.71
CA MET D 136 4.67 16.88 49.93
C MET D 136 4.14 17.37 48.59
N THR D 137 4.56 16.73 47.51
CA THR D 137 4.15 17.14 46.18
C THR D 137 3.37 16.01 45.51
N TYR D 138 2.58 16.40 44.53
CA TYR D 138 1.90 15.47 43.66
C TYR D 138 2.44 15.62 42.25
N SER D 139 2.20 14.61 41.43
CA SER D 139 2.50 14.65 40.01
C SER D 139 1.39 13.90 39.30
N VAL D 140 0.79 14.53 38.31
CA VAL D 140 -0.31 13.92 37.57
C VAL D 140 0.00 13.97 36.09
N LYS D 141 -0.30 12.88 35.40
CA LYS D 141 -0.19 12.81 33.95
C LYS D 141 -1.57 12.56 33.36
N LEU D 142 -1.97 13.41 32.43
CA LEU D 142 -3.25 13.29 31.76
C LEU D 142 -3.04 12.89 30.31
N ASP D 143 -3.40 11.65 29.99
CA ASP D 143 -3.24 11.10 28.65
C ASP D 143 -4.48 11.41 27.83
N GLY D 144 -4.29 12.08 26.70
CA GLY D 144 -5.42 12.45 25.88
C GLY D 144 -6.10 11.25 25.25
N MET D 145 -7.43 11.28 25.24
CA MET D 145 -8.23 10.21 24.65
C MET D 145 -8.63 10.50 23.23
N GLY D 146 -8.56 11.75 22.81
CA GLY D 146 -8.97 12.13 21.49
C GLY D 146 -8.39 13.48 21.14
N ALA D 147 -9.22 14.32 20.55
CA ALA D 147 -8.78 15.65 20.17
C ALA D 147 -8.49 16.50 21.40
N LEU D 148 -7.40 17.26 21.34
CA LEU D 148 -7.17 18.37 22.24
C LEU D 148 -7.56 19.64 21.50
N VAL D 149 -8.66 20.25 21.91
CA VAL D 149 -9.17 21.42 21.19
C VAL D 149 -8.29 22.62 21.50
N ASP D 150 -7.77 23.25 20.45
CA ASP D 150 -6.96 24.45 20.55
C ASP D 150 -7.91 25.63 20.69
N LEU D 151 -8.04 26.16 21.91
CA LEU D 151 -9.01 27.23 22.14
C LEU D 151 -8.43 28.58 21.76
N THR D 152 -7.14 28.63 21.43
CA THR D 152 -6.55 29.88 20.97
C THR D 152 -7.03 30.21 19.56
N ILE D 153 -7.40 29.19 18.78
CA ILE D 153 -7.95 29.40 17.45
C ILE D 153 -9.37 28.88 17.31
N THR D 154 -10.09 28.72 18.42
CA THR D 154 -11.47 28.28 18.42
C THR D 154 -12.29 29.30 19.19
N GLU D 155 -13.51 29.55 18.72
CA GLU D 155 -14.38 30.50 19.40
C GLU D 155 -14.84 29.95 20.74
N GLY D 156 -14.85 30.81 21.75
CA GLY D 156 -15.34 30.42 23.04
C GLY D 156 -14.28 29.71 23.86
N GLY D 157 -14.77 28.89 24.79
CA GLY D 157 -13.87 28.19 25.69
C GLY D 157 -13.19 29.10 26.67
N ASP D 158 -13.88 30.11 27.19
CA ASP D 158 -13.29 31.08 28.09
C ASP D 158 -13.93 31.06 29.48
N GLN D 159 -14.57 29.97 29.86
CA GLN D 159 -15.07 29.85 31.23
C GLN D 159 -13.91 29.71 32.20
N MET D 160 -13.94 30.52 33.24
CA MET D 160 -12.87 30.49 34.22
C MET D 160 -13.22 29.54 35.35
N PRO D 161 -12.22 28.99 36.05
CA PRO D 161 -12.52 28.08 37.15
C PRO D 161 -13.27 28.80 38.26
N GLY D 162 -14.39 28.20 38.66
CA GLY D 162 -15.27 28.78 39.66
C GLY D 162 -16.60 28.07 39.65
N ALA E 2 8.46 -0.69 -31.21
CA ALA E 2 7.66 -1.06 -30.04
C ALA E 2 8.36 -2.14 -29.25
N PHE E 3 8.30 -2.04 -27.92
CA PHE E 3 8.91 -2.99 -27.01
C PHE E 3 10.41 -3.12 -27.26
N GLU E 4 11.07 -1.98 -27.45
CA GLU E 4 12.51 -1.92 -27.71
C GLU E 4 12.90 -2.81 -28.87
N GLU E 5 12.12 -2.75 -29.95
CA GLU E 5 12.35 -3.53 -31.17
C GLU E 5 12.29 -5.03 -30.93
N ASN E 6 11.51 -5.46 -29.95
CA ASN E 6 11.33 -6.88 -29.62
C ASN E 6 12.65 -7.56 -29.29
N LEU E 7 13.54 -6.82 -28.63
CA LEU E 7 14.83 -7.39 -28.25
C LEU E 7 14.68 -8.55 -27.28
N TYR E 8 13.80 -8.41 -26.29
CA TYR E 8 13.62 -9.44 -25.28
C TYR E 8 12.18 -9.91 -25.13
N CYS E 9 11.26 -9.44 -25.97
CA CYS E 9 9.88 -9.92 -25.94
C CYS E 9 9.34 -9.97 -27.36
N ASP E 10 8.91 -11.16 -27.78
CA ASP E 10 8.31 -11.38 -29.08
C ASP E 10 6.84 -11.69 -28.91
N TYR E 11 6.00 -10.88 -29.55
CA TYR E 11 4.56 -11.08 -29.46
C TYR E 11 4.02 -11.85 -30.67
N ALA E 16 -1.03 -20.52 -30.58
CA ALA E 16 -0.33 -21.30 -31.60
C ALA E 16 0.64 -22.26 -30.95
N LYS E 17 0.93 -22.03 -29.67
CA LYS E 17 1.87 -22.87 -28.96
C LYS E 17 1.15 -23.89 -28.09
N ALA E 18 -0.02 -23.53 -27.58
CA ALA E 18 -0.87 -24.43 -26.82
C ALA E 18 -2.27 -23.85 -26.77
N VAL E 19 -3.26 -24.73 -26.69
CA VAL E 19 -4.66 -24.34 -26.56
C VAL E 19 -5.11 -24.65 -25.14
N ALA E 20 -5.67 -23.66 -24.47
CA ALA E 20 -6.27 -23.91 -23.16
C ALA E 20 -7.46 -24.84 -23.30
N GLY E 21 -7.53 -25.83 -22.41
CA GLY E 21 -8.61 -26.80 -22.48
C GLY E 21 -9.98 -26.18 -22.32
N LYS E 22 -10.06 -25.04 -21.63
CA LYS E 22 -11.35 -24.42 -21.38
C LYS E 22 -11.97 -23.84 -22.65
N ASP E 23 -11.17 -23.67 -23.71
CA ASP E 23 -11.71 -23.13 -24.94
C ASP E 23 -12.26 -24.24 -25.83
N VAL E 24 -12.00 -25.48 -25.49
CA VAL E 24 -12.50 -26.61 -26.27
C VAL E 24 -13.70 -27.22 -25.57
N ILE E 25 -14.87 -27.09 -26.19
CA ILE E 25 -16.11 -27.49 -25.54
C ILE E 25 -16.89 -28.45 -26.45
N LEU E 26 -17.71 -29.26 -25.81
CA LEU E 26 -18.65 -30.14 -26.49
C LEU E 26 -19.98 -29.41 -26.66
N ALA E 27 -20.53 -29.49 -27.87
CA ALA E 27 -21.83 -28.90 -28.17
C ALA E 27 -22.68 -29.93 -28.87
N VAL E 28 -23.98 -29.92 -28.60
CA VAL E 28 -24.91 -30.84 -29.22
C VAL E 28 -25.96 -30.01 -29.95
N PHE E 29 -26.51 -30.57 -31.02
CA PHE E 29 -27.65 -29.97 -31.67
C PHE E 29 -28.94 -30.38 -30.96
N ASN E 30 -29.91 -29.48 -30.94
CA ASN E 30 -31.23 -29.85 -30.47
C ASN E 30 -31.87 -30.81 -31.47
N ALA E 31 -33.03 -31.35 -31.08
CA ALA E 31 -33.63 -32.45 -31.84
C ALA E 31 -33.95 -32.03 -33.27
N ALA E 32 -34.26 -30.76 -33.48
CA ALA E 32 -34.60 -30.30 -34.82
C ALA E 32 -33.36 -29.98 -35.64
N GLY E 33 -32.27 -29.61 -34.97
CA GLY E 33 -31.05 -29.25 -35.65
C GLY E 33 -30.85 -27.78 -35.89
N ASP E 34 -31.69 -26.93 -35.32
CA ASP E 34 -31.61 -25.50 -35.63
C ASP E 34 -30.84 -24.75 -34.57
N LYS E 35 -30.59 -25.37 -33.42
CA LYS E 35 -29.81 -24.75 -32.36
C LYS E 35 -28.67 -25.67 -31.96
N LEU E 36 -27.47 -25.10 -31.85
CA LEU E 36 -26.30 -25.80 -31.38
C LEU E 36 -26.02 -25.36 -29.94
N LEU E 37 -25.99 -26.32 -29.02
CA LEU E 37 -25.99 -26.02 -27.59
C LEU E 37 -24.73 -26.54 -26.94
N ALA E 38 -23.93 -25.62 -26.40
CA ALA E 38 -22.85 -26.01 -25.51
C ALA E 38 -23.41 -26.71 -24.28
N VAL E 39 -22.86 -27.88 -23.98
CA VAL E 39 -23.30 -28.64 -22.81
C VAL E 39 -22.95 -27.85 -21.55
N ALA E 40 -23.96 -27.58 -20.74
CA ALA E 40 -23.81 -26.65 -19.63
C ALA E 40 -22.96 -27.25 -18.51
N GLY E 41 -22.13 -26.42 -17.91
CA GLY E 41 -21.32 -26.81 -16.77
C GLY E 41 -20.19 -27.76 -17.06
N GLN E 42 -19.83 -27.97 -18.32
CA GLN E 42 -18.83 -28.98 -18.64
C GLN E 42 -17.45 -28.57 -18.16
N GLN E 43 -16.70 -29.55 -17.70
CA GLN E 43 -15.36 -29.33 -17.14
C GLN E 43 -14.29 -30.20 -17.77
N GLY E 44 -14.60 -31.43 -18.13
CA GLY E 44 -13.64 -32.30 -18.75
C GLY E 44 -14.13 -32.86 -20.07
N LEU E 45 -13.21 -33.03 -21.01
CA LEU E 45 -13.54 -33.50 -22.34
C LEU E 45 -12.48 -34.50 -22.79
N THR E 46 -12.93 -35.66 -23.25
CA THR E 46 -12.06 -36.65 -23.85
C THR E 46 -12.65 -37.07 -25.19
N VAL E 47 -11.83 -36.99 -26.24
CA VAL E 47 -12.20 -37.50 -27.55
C VAL E 47 -11.32 -38.70 -27.83
N ASN E 48 -11.93 -39.88 -27.89
CA ASN E 48 -11.23 -41.13 -28.14
C ASN E 48 -11.42 -41.53 -29.60
N ARG E 49 -10.32 -41.76 -30.31
CA ARG E 49 -10.35 -42.34 -31.64
C ARG E 49 -9.33 -43.46 -31.70
N SER E 50 -9.78 -44.65 -32.08
CA SER E 50 -8.90 -45.80 -32.15
C SER E 50 -9.16 -46.55 -33.44
N LYS E 51 -8.18 -47.34 -33.84
CA LYS E 51 -8.24 -48.17 -35.03
C LYS E 51 -7.78 -49.56 -34.65
N ASP E 52 -8.43 -50.58 -35.20
CA ASP E 52 -7.98 -51.95 -34.97
C ASP E 52 -6.75 -52.27 -35.79
N SER E 53 -5.97 -53.22 -35.29
CA SER E 53 -4.83 -53.77 -36.02
C SER E 53 -5.12 -55.23 -36.33
N ILE E 54 -4.94 -55.62 -37.58
CA ILE E 54 -5.09 -56.99 -38.02
C ILE E 54 -3.70 -57.58 -38.20
N GLU E 55 -3.39 -58.64 -37.46
CA GLU E 55 -2.13 -59.33 -37.65
C GLU E 55 -2.21 -60.23 -38.87
N ILE E 56 -1.26 -60.08 -39.78
CA ILE E 56 -1.21 -60.87 -41.00
C ILE E 56 0.13 -61.60 -41.12
N THR E 57 0.76 -61.89 -39.99
CA THR E 57 1.98 -62.67 -39.97
C THR E 57 1.74 -64.07 -40.55
N SER E 58 2.64 -64.49 -41.43
CA SER E 58 2.60 -65.83 -41.98
C SER E 58 4.01 -66.38 -42.01
N LYS E 59 4.17 -67.55 -42.63
CA LYS E 59 5.50 -68.12 -42.79
C LYS E 59 6.27 -67.43 -43.90
N ASP E 60 5.59 -66.60 -44.71
CA ASP E 60 6.28 -65.76 -45.67
C ASP E 60 6.93 -64.55 -44.98
N THR E 61 6.46 -64.21 -43.79
CA THR E 61 6.99 -63.06 -43.09
C THR E 61 8.47 -63.26 -42.74
N VAL E 62 9.30 -62.33 -43.16
CA VAL E 62 10.74 -62.42 -42.97
C VAL E 62 11.20 -61.31 -42.04
N GLY E 63 12.25 -61.59 -41.29
CA GLY E 63 12.86 -60.59 -40.45
C GLY E 63 12.58 -60.72 -38.97
N GLY E 64 11.60 -61.54 -38.58
CA GLY E 64 11.33 -61.74 -37.17
C GLY E 64 10.38 -60.77 -36.53
N TRP E 65 9.67 -59.97 -37.32
CA TRP E 65 8.71 -59.00 -36.81
C TRP E 65 7.32 -59.42 -37.26
N LYS E 66 6.34 -59.21 -36.41
CA LYS E 66 4.96 -59.46 -36.79
C LYS E 66 4.52 -58.48 -37.88
N SER E 67 3.58 -58.92 -38.70
CA SER E 67 3.05 -58.13 -39.80
C SER E 67 1.62 -57.72 -39.46
N LYS E 68 1.34 -56.42 -39.53
CA LYS E 68 0.05 -55.89 -39.15
C LYS E 68 -0.46 -54.91 -40.19
N ILE E 69 -1.78 -54.86 -40.33
CA ILE E 69 -2.45 -53.85 -41.14
C ILE E 69 -3.54 -53.21 -40.30
N GLY E 70 -3.94 -52.00 -40.69
CA GLY E 70 -4.96 -51.30 -39.94
C GLY E 70 -6.34 -51.86 -40.21
N GLY E 71 -7.21 -51.77 -39.20
CA GLY E 71 -8.59 -52.20 -39.31
C GLY E 71 -9.55 -51.04 -39.33
N MET E 72 -10.73 -51.28 -38.77
CA MET E 72 -11.77 -50.26 -38.75
C MET E 72 -11.60 -49.32 -37.57
N LYS E 73 -12.16 -48.13 -37.71
CA LYS E 73 -12.04 -47.08 -36.71
C LYS E 73 -13.32 -47.00 -35.87
N GLU E 74 -13.16 -46.54 -34.64
CA GLU E 74 -14.27 -46.24 -33.75
C GLU E 74 -13.92 -45.04 -32.91
N TRP E 75 -14.92 -44.37 -32.38
CA TRP E 75 -14.69 -43.19 -31.56
C TRP E 75 -15.73 -43.10 -30.45
N SER E 76 -15.36 -42.38 -29.40
CA SER E 76 -16.30 -42.01 -28.36
C SER E 76 -15.88 -40.67 -27.78
N ILE E 77 -16.81 -40.00 -27.12
CA ILE E 77 -16.54 -38.75 -26.44
C ILE E 77 -17.01 -38.89 -25.01
N GLU E 78 -16.15 -38.53 -24.08
CA GLU E 78 -16.48 -38.50 -22.66
C GLU E 78 -16.48 -37.05 -22.19
N ASN E 79 -17.54 -36.67 -21.51
CA ASN E 79 -17.70 -35.30 -21.03
C ASN E 79 -18.29 -35.33 -19.63
N ASP E 80 -17.68 -34.58 -18.73
CA ASP E 80 -18.15 -34.46 -17.37
C ASP E 80 -18.21 -32.99 -16.99
N GLY E 81 -18.99 -32.66 -15.97
CA GLY E 81 -19.03 -31.30 -15.49
C GLY E 81 -20.09 -31.12 -14.44
N LEU E 82 -20.35 -29.86 -14.12
CA LEU E 82 -21.40 -29.53 -13.15
C LEU E 82 -22.77 -29.71 -13.76
N TYR E 83 -23.61 -30.47 -13.07
CA TYR E 83 -24.93 -30.82 -13.57
C TYR E 83 -25.97 -29.82 -13.08
N VAL E 84 -26.68 -29.20 -14.02
CA VAL E 84 -27.85 -28.39 -13.72
C VAL E 84 -28.98 -28.91 -14.59
N ALA E 85 -30.04 -29.40 -13.94
CA ALA E 85 -31.02 -30.25 -14.62
C ALA E 85 -31.90 -29.47 -15.59
N ASP E 86 -32.11 -28.19 -15.34
CA ASP E 86 -33.03 -27.43 -16.21
C ASP E 86 -32.29 -26.71 -17.32
N ALA E 87 -30.97 -26.87 -17.39
CA ALA E 87 -30.22 -26.34 -18.51
C ALA E 87 -30.72 -26.95 -19.81
N GLU E 88 -30.75 -26.14 -20.87
CA GLU E 88 -31.37 -26.59 -22.11
C GLU E 88 -30.59 -27.72 -22.75
N SER E 89 -29.26 -27.68 -22.66
CA SER E 89 -28.44 -28.74 -23.24
C SER E 89 -28.65 -30.06 -22.50
N HIS E 90 -28.85 -30.00 -21.19
CA HIS E 90 -29.05 -31.22 -20.42
C HIS E 90 -30.45 -31.79 -20.64
N LYS E 91 -31.43 -30.92 -20.87
CA LYS E 91 -32.75 -31.41 -21.25
C LYS E 91 -32.71 -32.07 -22.62
N GLU E 92 -31.92 -31.53 -23.55
CA GLU E 92 -31.76 -32.16 -24.84
C GLU E 92 -31.09 -33.52 -24.71
N LEU E 93 -30.00 -33.59 -23.92
CA LEU E 93 -29.33 -34.87 -23.69
C LEU E 93 -30.27 -35.87 -23.04
N ALA E 94 -31.11 -35.41 -22.10
CA ALA E 94 -32.06 -36.29 -21.45
C ALA E 94 -33.07 -36.85 -22.45
N LYS E 95 -33.56 -36.02 -23.36
CA LYS E 95 -34.51 -36.50 -24.36
C LYS E 95 -33.85 -37.45 -25.34
N TYR E 96 -32.59 -37.18 -25.71
CA TYR E 96 -31.86 -38.10 -26.57
C TYR E 96 -31.70 -39.46 -25.91
N PHE E 97 -31.35 -39.47 -24.62
CA PHE E 97 -31.18 -40.72 -23.89
C PHE E 97 -32.50 -41.45 -23.74
N GLU E 98 -33.59 -40.72 -23.54
CA GLU E 98 -34.89 -41.35 -23.33
C GLU E 98 -35.46 -41.90 -24.62
N SER E 99 -35.29 -41.18 -25.73
CA SER E 99 -36.00 -41.54 -26.95
C SER E 99 -35.21 -42.47 -27.84
N ASP E 100 -34.00 -42.88 -27.41
CA ASP E 100 -33.12 -43.72 -28.21
C ASP E 100 -32.83 -43.09 -29.57
N SER E 101 -32.53 -41.82 -29.58
CA SER E 101 -32.28 -41.11 -30.82
C SER E 101 -30.84 -40.65 -30.87
N PRO E 102 -30.17 -40.76 -32.01
CA PRO E 102 -28.78 -40.28 -32.10
C PRO E 102 -28.72 -38.76 -31.97
N VAL E 103 -27.63 -38.29 -31.37
CA VAL E 103 -27.40 -36.86 -31.18
C VAL E 103 -26.22 -36.45 -32.04
N CYS E 104 -26.39 -35.36 -32.78
CA CYS E 104 -25.29 -34.75 -33.52
C CYS E 104 -24.45 -33.89 -32.59
N VAL E 105 -23.20 -34.28 -32.40
CA VAL E 105 -22.31 -33.62 -31.45
C VAL E 105 -21.21 -32.92 -32.22
N LYS E 106 -20.62 -31.91 -31.59
CA LYS E 106 -19.56 -31.13 -32.19
C LYS E 106 -18.56 -30.72 -31.12
N ILE E 107 -17.27 -30.84 -31.44
CA ILE E 107 -16.20 -30.31 -30.62
C ILE E 107 -15.69 -29.05 -31.28
N ILE E 108 -15.73 -27.94 -30.56
CA ILE E 108 -15.31 -26.66 -31.12
C ILE E 108 -14.30 -25.99 -30.19
N ASN E 109 -13.41 -25.23 -30.79
CA ASN E 109 -12.56 -24.28 -30.08
C ASN E 109 -13.31 -22.96 -30.09
N GLN E 110 -13.88 -22.58 -28.94
CA GLN E 110 -14.73 -21.39 -28.90
C GLN E 110 -13.90 -20.11 -28.96
N ALA E 111 -12.62 -20.20 -28.61
CA ALA E 111 -11.76 -19.02 -28.68
C ALA E 111 -11.34 -18.73 -30.11
N SER E 112 -10.94 -19.76 -30.86
CA SER E 112 -10.52 -19.55 -32.23
C SER E 112 -11.69 -19.70 -33.20
N LYS E 113 -12.84 -20.13 -32.70
CA LYS E 113 -14.07 -20.32 -33.47
C LYS E 113 -13.91 -21.31 -34.62
N LYS E 114 -13.18 -22.39 -34.41
CA LYS E 114 -13.05 -23.46 -35.38
C LYS E 114 -13.66 -24.73 -34.81
N GLY E 115 -14.41 -25.45 -35.63
CA GLY E 115 -14.84 -26.78 -35.24
C GLY E 115 -13.69 -27.76 -35.36
N LEU E 116 -13.68 -28.74 -34.45
CA LEU E 116 -12.63 -29.75 -34.43
C LEU E 116 -13.13 -31.11 -34.90
N PHE E 117 -14.24 -31.58 -34.33
CA PHE E 117 -14.78 -32.90 -34.66
C PHE E 117 -16.29 -32.83 -34.62
N GLY E 118 -16.94 -33.65 -35.43
CA GLY E 118 -18.38 -33.76 -35.44
C GLY E 118 -18.84 -35.11 -35.91
N GLY E 119 -19.96 -35.59 -35.36
CA GLY E 119 -20.47 -36.88 -35.76
C GLY E 119 -21.72 -37.25 -35.00
N LEU E 120 -22.32 -38.36 -35.41
CA LEU E 120 -23.51 -38.90 -34.79
C LEU E 120 -23.10 -39.87 -33.69
N ALA E 121 -23.69 -39.71 -32.51
CA ALA E 121 -23.33 -40.53 -31.37
C ALA E 121 -24.57 -41.10 -30.69
N ILE E 122 -24.43 -42.31 -30.15
CA ILE E 122 -25.35 -42.80 -29.15
C ILE E 122 -25.00 -42.17 -27.82
N VAL E 123 -26.02 -41.75 -27.07
CA VAL E 123 -25.80 -41.40 -25.66
C VAL E 123 -25.69 -42.74 -24.93
N ALA E 124 -24.45 -43.17 -24.71
CA ALA E 124 -24.23 -44.51 -24.21
C ALA E 124 -24.25 -44.54 -22.69
N ASP E 125 -23.94 -43.42 -22.06
CA ASP E 125 -23.92 -43.32 -20.62
C ASP E 125 -24.22 -41.89 -20.23
N TYR E 126 -25.08 -41.72 -19.24
CA TYR E 126 -25.47 -40.40 -18.76
C TYR E 126 -25.75 -40.51 -17.27
N SER E 127 -24.74 -40.23 -16.45
CA SER E 127 -24.77 -40.56 -15.04
C SER E 127 -24.48 -39.31 -14.22
N PHE E 128 -24.74 -39.41 -12.92
CA PHE E 128 -24.67 -38.27 -12.01
C PHE E 128 -24.10 -38.69 -10.67
N GLU E 129 -23.38 -37.76 -10.06
CA GLU E 129 -22.85 -37.94 -8.71
C GLU E 129 -23.20 -36.72 -7.87
N ALA E 130 -23.61 -36.97 -6.63
CA ALA E 130 -23.98 -35.90 -5.70
C ALA E 130 -23.33 -36.19 -4.34
N PRO E 131 -22.07 -35.80 -4.16
CA PRO E 131 -21.46 -35.90 -2.84
C PRO E 131 -21.98 -34.79 -1.93
N PHE E 132 -22.05 -35.08 -0.64
CA PHE E 132 -22.65 -34.12 0.28
C PHE E 132 -21.79 -32.87 0.44
N ASP E 133 -20.50 -32.98 0.15
CA ASP E 133 -19.59 -31.87 0.37
C ASP E 133 -19.13 -31.19 -0.91
N GLU E 134 -19.68 -31.56 -2.06
CA GLU E 134 -19.28 -31.00 -3.34
C GLU E 134 -20.51 -30.60 -4.14
N ALA E 135 -20.28 -30.26 -5.41
CA ALA E 135 -21.38 -29.95 -6.30
C ALA E 135 -21.81 -31.21 -7.05
N MET E 136 -23.08 -31.25 -7.42
CA MET E 136 -23.59 -32.35 -8.22
C MET E 136 -22.99 -32.31 -9.62
N THR E 137 -22.45 -33.43 -10.06
CA THR E 137 -21.82 -33.51 -11.37
C THR E 137 -22.56 -34.50 -12.25
N TYR E 138 -22.38 -34.34 -13.54
CA TYR E 138 -22.86 -35.29 -14.53
C TYR E 138 -21.66 -35.91 -15.21
N SER E 139 -21.90 -37.03 -15.87
CA SER E 139 -20.91 -37.68 -16.72
C SER E 139 -21.67 -38.27 -17.90
N VAL E 140 -21.24 -37.96 -19.11
CA VAL E 140 -21.90 -38.44 -20.32
C VAL E 140 -20.87 -39.11 -21.20
N LYS E 141 -21.25 -40.23 -21.79
CA LYS E 141 -20.44 -40.93 -22.77
C LYS E 141 -21.20 -40.96 -24.09
N LEU E 142 -20.55 -40.50 -25.15
CA LEU E 142 -21.13 -40.47 -26.48
C LEU E 142 -20.41 -41.48 -27.36
N ASP E 143 -21.11 -42.57 -27.69
CA ASP E 143 -20.56 -43.64 -28.52
C ASP E 143 -20.82 -43.34 -29.98
N GLY E 144 -19.75 -43.28 -30.77
CA GLY E 144 -19.90 -42.96 -32.17
C GLY E 144 -20.64 -44.03 -32.94
N MET E 145 -21.52 -43.61 -33.84
CA MET E 145 -22.28 -44.52 -34.67
C MET E 145 -21.66 -44.74 -36.03
N GLY E 146 -20.76 -43.86 -36.43
CA GLY E 146 -20.15 -43.95 -37.74
C GLY E 146 -18.90 -43.12 -37.77
N ALA E 147 -18.73 -42.38 -38.85
CA ALA E 147 -17.56 -41.53 -38.99
C ALA E 147 -17.59 -40.38 -37.99
N LEU E 148 -16.44 -40.10 -37.41
CA LEU E 148 -16.20 -38.84 -36.72
C LEU E 148 -15.44 -37.94 -37.69
N VAL E 149 -16.11 -36.90 -38.18
CA VAL E 149 -15.49 -36.04 -39.18
C VAL E 149 -14.45 -35.15 -38.51
N ASP E 150 -13.23 -35.21 -39.02
CA ASP E 150 -12.12 -34.38 -38.55
C ASP E 150 -12.25 -33.02 -39.21
N LEU E 151 -12.72 -32.03 -38.47
CA LEU E 151 -12.98 -30.72 -39.06
C LEU E 151 -11.71 -29.89 -39.12
N THR E 152 -10.62 -30.37 -38.51
CA THR E 152 -9.35 -29.68 -38.61
C THR E 152 -8.76 -29.83 -40.01
N ILE E 153 -9.11 -30.91 -40.71
CA ILE E 153 -8.67 -31.11 -42.09
C ILE E 153 -9.83 -31.18 -43.06
N THR E 154 -10.98 -30.64 -42.70
CA THR E 154 -12.15 -30.59 -43.56
C THR E 154 -12.61 -29.15 -43.67
N GLU E 155 -13.08 -28.75 -44.85
CA GLU E 155 -13.56 -27.39 -45.03
C GLU E 155 -14.86 -27.17 -44.28
N GLY E 156 -14.97 -26.01 -43.64
CA GLY E 156 -16.18 -25.66 -42.96
C GLY E 156 -16.25 -26.26 -41.56
N GLY E 157 -17.50 -26.44 -41.11
CA GLY E 157 -17.72 -26.93 -39.77
C GLY E 157 -17.31 -25.96 -38.70
N ASP E 158 -17.55 -24.67 -38.89
CA ASP E 158 -17.14 -23.64 -37.94
C ASP E 158 -18.32 -22.89 -37.35
N GLN E 159 -19.52 -23.48 -37.35
CA GLN E 159 -20.64 -22.87 -36.67
C GLN E 159 -20.44 -22.94 -35.16
N MET E 160 -20.61 -21.81 -34.51
CA MET E 160 -20.41 -21.76 -33.07
C MET E 160 -21.73 -22.00 -32.35
N PRO E 161 -21.70 -22.49 -31.11
CA PRO E 161 -22.94 -22.72 -30.38
C PRO E 161 -23.69 -21.42 -30.14
N GLY E 162 -24.96 -21.42 -30.52
CA GLY E 162 -25.80 -20.24 -30.44
C GLY E 162 -27.07 -20.45 -31.23
#